data_2Q8E
#
_entry.id   2Q8E
#
_cell.length_a   100.294
_cell.length_b   148.964
_cell.length_c   56.810
_cell.angle_alpha   90.00
_cell.angle_beta   90.00
_cell.angle_gamma   90.00
#
_symmetry.space_group_name_H-M   'P 21 21 2'
#
loop_
_entity.id
_entity.type
_entity.pdbx_description
1 polymer 'JmjC domain-containing histone demethylation protein 3A'
2 polymer 'histone 3 peptide'
3 non-polymer 'NICKEL (II) ION'
4 non-polymer 'ZINC ION'
5 non-polymer N-OXALYLGLYCINE
6 water water
#
loop_
_entity_poly.entity_id
_entity_poly.type
_entity_poly.pdbx_seq_one_letter_code
_entity_poly.pdbx_strand_id
1 'polypeptide(L)'
;GSMASESETLNPSARIMTFYPTMEEFRNFSRYIAYIESQGAHRAGLAKVVPPKEWKPRASYDDIDDLVIPAPIQQLVTGQ
SGLFTQYNIQKKAMTVREFRKIANSDKYCTPRYSEFEELERKYWKNLTFNPPIYGADVNGTLYEKHVDEWNIGRLRTILD
LVEKESGITIEGVNTPYLYFGMWKTSFAWHTEDMDLYSINYLHFGEPKSWYSVPPEHGKRLERLAKGFFPGSAQSCEAFL
RHKMTLISPLMLKKYGIPFDKVTQEAGEFMITFPYGYHAGFNHGFNCAESTNFATRRWIEYGKQAVLCSCRKDMVKISMD
VFVRKFQPERYKLWKAGKDNTVIDHTLPTPEA
;
A,B
2 'polypeptide(L)' RKSAPATGGV(M3L)KPHRY F,G
#
loop_
_chem_comp.id
_chem_comp.type
_chem_comp.name
_chem_comp.formula
NI non-polymer 'NICKEL (II) ION' 'Ni 2'
OGA non-polymer N-OXALYLGLYCINE 'C4 H5 N O5'
ZN non-polymer 'ZINC ION' 'Zn 2'
#
# COMPACT_ATOMS: atom_id res chain seq x y z
N SER A 5 -11.50 6.31 -18.75
CA SER A 5 -11.61 5.13 -19.68
C SER A 5 -12.60 4.10 -19.14
N GLU A 6 -13.26 3.39 -20.07
CA GLU A 6 -14.29 2.38 -19.76
C GLU A 6 -13.79 1.26 -18.81
N SER A 7 -12.59 0.75 -19.08
CA SER A 7 -11.96 -0.28 -18.23
C SER A 7 -11.66 0.20 -16.80
N GLU A 8 -11.35 1.49 -16.64
CA GLU A 8 -11.02 2.03 -15.31
C GLU A 8 -12.26 2.18 -14.39
N THR A 9 -13.43 2.30 -15.01
CA THR A 9 -14.69 2.44 -14.27
C THR A 9 -15.22 1.08 -13.77
N LEU A 10 -14.73 0.00 -14.34
CA LEU A 10 -15.18 -1.34 -14.01
C LEU A 10 -14.33 -1.91 -12.88
N ASN A 11 -14.98 -2.37 -11.80
CA ASN A 11 -14.34 -2.86 -10.58
C ASN A 11 -13.28 -1.85 -10.11
N PRO A 12 -13.74 -0.61 -9.78
CA PRO A 12 -12.82 0.48 -9.49
C PRO A 12 -12.04 0.23 -8.19
N SER A 13 -12.67 -0.47 -7.24
CA SER A 13 -12.03 -0.89 -5.98
C SER A 13 -11.11 -2.12 -6.11
N ALA A 14 -11.04 -2.69 -7.32
CA ALA A 14 -10.17 -3.85 -7.63
C ALA A 14 -10.39 -4.98 -6.62
N ARG A 15 -11.68 -5.20 -6.37
CA ARG A 15 -12.23 -6.18 -5.45
C ARG A 15 -12.42 -7.53 -6.13
N ILE A 16 -12.10 -8.61 -5.41
CA ILE A 16 -12.29 -9.98 -5.88
C ILE A 16 -13.75 -10.24 -6.25
N MET A 17 -13.98 -10.67 -7.48
CA MET A 17 -15.34 -10.90 -7.94
C MET A 17 -15.64 -12.38 -7.99
N THR A 18 -16.90 -12.74 -7.74
CA THR A 18 -17.36 -14.12 -7.82
C THR A 18 -18.39 -14.28 -8.95
N PHE A 19 -18.25 -15.34 -9.75
CA PHE A 19 -19.15 -15.59 -10.89
C PHE A 19 -19.84 -16.95 -10.76
N TYR A 20 -21.10 -16.97 -11.17
CA TYR A 20 -21.97 -18.14 -11.16
C TYR A 20 -22.48 -18.36 -12.58
N PRO A 21 -21.62 -18.85 -13.50
CA PRO A 21 -22.10 -19.10 -14.88
C PRO A 21 -23.19 -20.17 -14.95
N THR A 22 -24.14 -20.01 -15.86
CA THR A 22 -24.98 -21.12 -16.27
C THR A 22 -24.14 -22.12 -17.10
N MET A 23 -24.65 -23.34 -17.25
CA MET A 23 -24.01 -24.39 -18.02
C MET A 23 -23.59 -23.90 -19.39
N GLU A 24 -24.41 -23.01 -19.97
CA GLU A 24 -24.21 -22.49 -21.32
C GLU A 24 -23.04 -21.53 -21.41
N GLU A 25 -22.95 -20.60 -20.44
CA GLU A 25 -21.82 -19.68 -20.31
C GLU A 25 -20.52 -20.40 -19.94
N PHE A 26 -20.67 -21.44 -19.12
CA PHE A 26 -19.53 -22.21 -18.58
C PHE A 26 -18.76 -23.00 -19.62
N ARG A 27 -19.48 -23.46 -20.66
CA ARG A 27 -18.94 -24.34 -21.71
C ARG A 27 -17.70 -23.81 -22.41
N ASN A 28 -17.73 -22.54 -22.84
CA ASN A 28 -16.57 -21.94 -23.51
C ASN A 28 -15.62 -21.25 -22.52
N PHE A 29 -14.43 -21.81 -22.38
CA PHE A 29 -13.55 -21.38 -21.29
C PHE A 29 -12.92 -20.01 -21.55
N SER A 30 -12.28 -19.88 -22.70
CA SER A 30 -11.56 -18.68 -23.07
C SER A 30 -12.55 -17.53 -23.24
N ARG A 31 -13.76 -17.85 -23.70
CA ARG A 31 -14.81 -16.83 -23.83
C ARG A 31 -15.27 -16.42 -22.45
N TYR A 32 -15.43 -17.38 -21.53
CA TYR A 32 -15.80 -16.96 -20.16
C TYR A 32 -14.72 -16.10 -19.51
N ILE A 33 -13.46 -16.40 -19.77
CA ILE A 33 -12.34 -15.57 -19.24
C ILE A 33 -12.38 -14.14 -19.78
N ALA A 34 -12.63 -13.99 -21.08
CA ALA A 34 -12.86 -12.67 -21.72
C ALA A 34 -14.02 -11.92 -21.06
N TYR A 35 -15.13 -12.63 -20.79
CA TYR A 35 -16.28 -12.09 -20.10
C TYR A 35 -15.99 -11.54 -18.70
N ILE A 36 -15.30 -12.33 -17.87
CA ILE A 36 -15.00 -11.86 -16.52
C ILE A 36 -14.04 -10.66 -16.50
N GLU A 37 -13.16 -10.60 -17.50
CA GLU A 37 -12.29 -9.45 -17.72
C GLU A 37 -13.06 -8.21 -18.22
N SER A 38 -14.14 -8.44 -18.98
CA SER A 38 -15.05 -7.38 -19.40
C SER A 38 -15.81 -6.80 -18.19
N GLN A 39 -15.91 -7.53 -17.08
CA GLN A 39 -16.51 -6.97 -15.88
C GLN A 39 -15.49 -6.36 -14.93
N GLY A 40 -14.20 -6.43 -15.30
CA GLY A 40 -13.08 -5.90 -14.50
C GLY A 40 -12.49 -6.86 -13.45
N ALA A 41 -12.80 -8.16 -13.57
CA ALA A 41 -12.41 -9.18 -12.55
C ALA A 41 -10.91 -9.23 -12.34
N HIS A 42 -10.20 -9.08 -13.45
CA HIS A 42 -8.75 -9.15 -13.50
C HIS A 42 -8.07 -8.06 -12.69
N ARG A 43 -8.79 -6.97 -12.41
CA ARG A 43 -8.29 -5.94 -11.53
C ARG A 43 -7.97 -6.40 -10.11
N ALA A 44 -8.68 -7.43 -9.62
CA ALA A 44 -8.40 -7.99 -8.30
C ALA A 44 -7.11 -8.81 -8.25
N GLY A 45 -6.73 -9.44 -9.37
CA GLY A 45 -5.65 -10.44 -9.40
C GLY A 45 -6.19 -11.87 -9.25
N LEU A 46 -7.39 -11.99 -8.73
CA LEU A 46 -8.07 -13.23 -8.38
C LEU A 46 -9.54 -13.08 -8.57
N ALA A 47 -10.16 -14.15 -9.06
CA ALA A 47 -11.60 -14.25 -9.21
C ALA A 47 -12.05 -15.64 -8.86
N LYS A 48 -13.26 -15.75 -8.34
CA LYS A 48 -13.87 -17.05 -8.09
C LYS A 48 -14.94 -17.37 -9.13
N VAL A 49 -14.91 -18.61 -9.64
CA VAL A 49 -15.96 -19.10 -10.50
C VAL A 49 -16.61 -20.35 -9.91
N VAL A 50 -17.91 -20.24 -9.68
CA VAL A 50 -18.70 -21.31 -9.13
C VAL A 50 -19.33 -22.02 -10.34
N PRO A 51 -18.98 -23.28 -10.56
CA PRO A 51 -19.53 -23.94 -11.74
C PRO A 51 -21.00 -24.25 -11.52
N PRO A 52 -21.74 -24.49 -12.61
CA PRO A 52 -23.15 -24.85 -12.50
C PRO A 52 -23.34 -26.09 -11.63
N LYS A 53 -24.42 -26.10 -10.83
CA LYS A 53 -24.68 -27.17 -9.87
C LYS A 53 -24.51 -28.58 -10.46
N GLU A 54 -25.09 -28.84 -11.64
CA GLU A 54 -25.02 -30.18 -12.26
C GLU A 54 -23.75 -30.43 -13.11
N TRP A 55 -22.69 -29.68 -12.84
CA TRP A 55 -21.39 -29.98 -13.42
C TRP A 55 -20.52 -30.78 -12.44
N LYS A 56 -19.82 -31.79 -12.97
CA LYS A 56 -18.97 -32.67 -12.18
C LYS A 56 -17.76 -33.07 -13.01
N PRO A 57 -16.54 -32.88 -12.49
CA PRO A 57 -15.32 -33.35 -13.17
C PRO A 57 -15.04 -34.84 -12.97
N ARG A 58 -15.56 -35.42 -11.88
CA ARG A 58 -15.33 -36.81 -11.53
C ARG A 58 -16.55 -37.35 -10.80
N ALA A 59 -16.90 -38.62 -11.10
CA ALA A 59 -18.01 -39.31 -10.46
C ALA A 59 -17.77 -39.52 -8.96
N SER A 60 -16.62 -40.10 -8.63
CA SER A 60 -16.29 -40.43 -7.24
C SER A 60 -14.81 -40.22 -6.96
N TYR A 61 -14.53 -39.66 -5.78
CA TYR A 61 -13.15 -39.53 -5.32
C TYR A 61 -12.77 -40.67 -4.35
N ASP A 62 -13.46 -41.81 -4.45
CA ASP A 62 -13.27 -42.93 -3.52
C ASP A 62 -12.25 -43.98 -3.97
N ASP A 63 -11.59 -43.73 -5.09
CA ASP A 63 -10.66 -44.69 -5.65
C ASP A 63 -9.21 -44.18 -5.68
N ILE A 64 -8.91 -43.12 -4.94
CA ILE A 64 -7.61 -42.45 -5.07
C ILE A 64 -6.67 -42.64 -3.87
N ASP A 65 -7.13 -43.42 -2.89
CA ASP A 65 -6.33 -43.71 -1.71
C ASP A 65 -4.91 -44.25 -1.99
N ASP A 66 -4.78 -45.03 -3.08
CA ASP A 66 -3.50 -45.58 -3.53
C ASP A 66 -2.67 -44.63 -4.40
N LEU A 67 -3.19 -43.42 -4.64
CA LEU A 67 -2.43 -42.44 -5.43
C LEU A 67 -1.18 -42.02 -4.64
N VAL A 68 -0.04 -42.09 -5.33
CA VAL A 68 1.25 -41.71 -4.75
C VAL A 68 1.48 -40.21 -4.85
N ILE A 69 1.88 -39.62 -3.71
CA ILE A 69 2.47 -38.30 -3.62
C ILE A 69 3.99 -38.54 -3.49
N PRO A 70 4.76 -38.33 -4.57
CA PRO A 70 6.16 -38.82 -4.54
C PRO A 70 7.15 -37.92 -3.78
N ALA A 71 6.74 -36.67 -3.55
CA ALA A 71 7.59 -35.65 -2.97
C ALA A 71 6.84 -34.77 -1.95
N PRO A 72 6.29 -35.36 -0.88
CA PRO A 72 5.62 -34.53 0.15
C PRO A 72 6.63 -33.59 0.83
N ILE A 73 6.18 -32.39 1.20
CA ILE A 73 7.04 -31.38 1.77
C ILE A 73 6.54 -30.95 3.13
N GLN A 74 7.41 -31.06 4.12
CA GLN A 74 7.14 -30.46 5.42
C GLN A 74 7.54 -29.00 5.40
N GLN A 75 6.65 -28.15 5.90
CA GLN A 75 6.79 -26.70 5.70
C GLN A 75 7.23 -26.07 7.01
N LEU A 76 8.52 -25.75 7.08
CA LEU A 76 9.12 -25.18 8.30
C LEU A 76 9.09 -23.66 8.12
N VAL A 77 8.35 -22.94 8.99
CA VAL A 77 8.17 -21.50 8.85
C VAL A 77 8.94 -20.84 9.96
N THR A 78 9.73 -19.82 9.58
CA THR A 78 10.52 -19.03 10.49
C THR A 78 10.16 -17.53 10.40
N GLY A 79 9.91 -16.91 11.54
CA GLY A 79 9.79 -15.46 11.53
C GLY A 79 8.89 -14.97 12.65
N GLN A 80 8.52 -13.70 12.57
CA GLN A 80 7.63 -13.14 13.56
C GLN A 80 6.91 -11.94 13.02
N SER A 81 5.81 -11.63 13.70
CA SER A 81 5.10 -10.35 13.55
C SER A 81 4.91 -10.01 12.06
N GLY A 82 4.18 -10.90 11.41
CA GLY A 82 3.69 -10.74 10.04
C GLY A 82 4.63 -11.10 8.92
N LEU A 83 5.92 -11.30 9.21
CA LEU A 83 6.95 -11.62 8.20
C LEU A 83 7.61 -12.98 8.43
N PHE A 84 7.53 -13.85 7.43
CA PHE A 84 7.95 -15.26 7.57
C PHE A 84 8.68 -15.70 6.31
N THR A 85 9.66 -16.62 6.49
CA THR A 85 10.24 -17.40 5.41
C THR A 85 9.89 -18.87 5.58
N GLN A 86 9.33 -19.47 4.53
CA GLN A 86 8.98 -20.88 4.57
C GLN A 86 10.07 -21.76 3.94
N TYR A 87 10.59 -22.73 4.70
CA TYR A 87 11.58 -23.66 4.16
C TYR A 87 10.94 -25.01 3.94
N ASN A 88 11.17 -25.61 2.77
CA ASN A 88 10.47 -26.86 2.40
C ASN A 88 11.33 -28.08 2.49
N ILE A 89 11.04 -28.93 3.48
CA ILE A 89 11.77 -30.16 3.71
C ILE A 89 11.03 -31.31 3.02
N GLN A 90 11.66 -31.92 2.04
CA GLN A 90 11.01 -32.99 1.29
C GLN A 90 11.14 -34.29 2.08
N LYS A 91 10.02 -34.99 2.17
CA LYS A 91 9.89 -36.23 2.91
C LYS A 91 9.75 -37.38 1.94
N LYS A 92 9.82 -38.60 2.43
CA LYS A 92 9.69 -39.76 1.55
C LYS A 92 8.27 -39.89 1.02
N ALA A 93 8.17 -40.50 -0.17
CA ALA A 93 6.90 -40.61 -0.90
C ALA A 93 5.84 -41.24 -0.02
N MET A 94 4.59 -40.86 -0.20
CA MET A 94 3.48 -41.42 0.56
C MET A 94 2.22 -41.47 -0.29
N THR A 95 1.31 -42.36 0.07
CA THR A 95 0.05 -42.52 -0.64
C THR A 95 -0.96 -41.55 -0.06
N VAL A 96 -2.07 -41.29 -0.74
CA VAL A 96 -3.13 -40.44 -0.20
C VAL A 96 -3.74 -40.93 1.15
N ARG A 97 -3.84 -42.27 1.29
CA ARG A 97 -4.34 -42.85 2.53
C ARG A 97 -3.37 -42.50 3.67
N GLU A 98 -2.08 -42.77 3.48
CA GLU A 98 -1.05 -42.34 4.47
C GLU A 98 -1.12 -40.86 4.82
N PHE A 99 -1.39 -40.03 3.81
CA PHE A 99 -1.45 -38.58 3.99
C PHE A 99 -2.67 -38.11 4.78
N ARG A 100 -3.84 -38.66 4.44
CA ARG A 100 -5.13 -38.27 5.04
C ARG A 100 -5.19 -38.64 6.55
N LYS A 101 -4.59 -39.78 6.92
CA LYS A 101 -4.50 -40.21 8.31
C LYS A 101 -3.74 -39.14 9.11
N ILE A 102 -2.57 -38.77 8.60
CA ILE A 102 -1.76 -37.75 9.25
C ILE A 102 -2.52 -36.40 9.28
N ALA A 103 -3.12 -36.02 8.15
CA ALA A 103 -3.92 -34.77 8.03
C ALA A 103 -4.99 -34.61 9.13
N ASN A 104 -5.67 -35.72 9.45
CA ASN A 104 -6.83 -35.76 10.37
C ASN A 104 -6.45 -36.19 11.82
N SER A 105 -5.21 -36.66 12.03
CA SER A 105 -4.72 -37.09 13.36
C SER A 105 -4.79 -35.91 14.28
N ASP A 106 -4.96 -36.16 15.57
CA ASP A 106 -5.08 -35.11 16.59
C ASP A 106 -3.94 -34.11 16.56
N LYS A 107 -2.81 -34.55 16.01
CA LYS A 107 -1.60 -33.72 15.91
C LYS A 107 -1.72 -32.61 14.85
N TYR A 108 -2.24 -32.94 13.67
CA TYR A 108 -2.24 -31.99 12.57
C TYR A 108 -3.59 -31.39 12.22
N CYS A 109 -4.68 -31.92 12.77
CA CYS A 109 -6.04 -31.50 12.34
C CYS A 109 -6.40 -30.03 12.64
N THR A 110 -7.37 -29.50 11.91
CA THR A 110 -7.88 -28.12 12.08
C THR A 110 -8.36 -27.83 13.51
N PRO A 111 -7.92 -26.72 14.12
CA PRO A 111 -8.46 -26.38 15.43
C PRO A 111 -9.96 -26.08 15.37
N ARG A 112 -10.65 -26.21 16.51
CA ARG A 112 -12.03 -25.76 16.60
C ARG A 112 -12.07 -24.24 16.47
N TYR A 113 -13.15 -23.72 15.90
CA TYR A 113 -13.29 -22.27 15.69
C TYR A 113 -14.73 -21.88 15.35
N SER A 114 -15.08 -20.59 15.53
CA SER A 114 -16.41 -20.06 15.18
C SER A 114 -16.50 -19.67 13.70
N GLU A 115 -15.98 -18.48 13.36
CA GLU A 115 -15.92 -18.07 11.96
C GLU A 115 -14.50 -18.08 11.46
N PHE A 116 -14.37 -17.88 10.14
CA PHE A 116 -13.09 -17.81 9.47
C PHE A 116 -12.09 -16.84 10.14
N GLU A 117 -12.59 -15.69 10.57
CA GLU A 117 -11.81 -14.62 11.21
C GLU A 117 -10.96 -15.16 12.37
N GLU A 118 -11.56 -16.06 13.16
CA GLU A 118 -10.88 -16.79 14.24
C GLU A 118 -9.89 -17.86 13.74
N LEU A 119 -10.26 -18.62 12.71
CA LEU A 119 -9.35 -19.59 12.10
C LEU A 119 -8.13 -18.91 11.45
N GLU A 120 -8.38 -17.79 10.78
CA GLU A 120 -7.33 -16.96 10.21
C GLU A 120 -6.36 -16.44 11.27
N ARG A 121 -6.87 -16.05 12.44
CA ARG A 121 -6.03 -15.57 13.55
C ARG A 121 -5.16 -16.70 14.11
N LYS A 122 -5.72 -17.92 14.18
CA LYS A 122 -5.02 -19.12 14.60
C LYS A 122 -3.94 -19.50 13.61
N TYR A 123 -4.22 -19.36 12.32
CA TYR A 123 -3.21 -19.56 11.28
C TYR A 123 -1.98 -18.67 11.50
N TRP A 124 -2.20 -17.36 11.62
CA TRP A 124 -1.09 -16.40 11.70
C TRP A 124 -0.35 -16.39 13.03
N LYS A 125 -1.00 -16.97 14.04
CA LYS A 125 -0.43 -17.11 15.37
C LYS A 125 0.39 -18.41 15.48
N ASN A 126 0.00 -19.45 14.75
CA ASN A 126 0.58 -20.78 14.93
C ASN A 126 1.36 -21.34 13.76
N LEU A 127 1.55 -20.56 12.70
CA LEU A 127 2.13 -21.13 11.49
C LEU A 127 3.62 -21.51 11.61
N THR A 128 4.37 -20.94 12.56
CA THR A 128 5.74 -21.42 12.82
C THR A 128 5.84 -22.67 13.77
N PHE A 129 4.70 -23.19 14.25
CA PHE A 129 4.65 -24.32 15.18
C PHE A 129 4.05 -25.53 14.48
N ASN A 130 4.50 -26.71 14.87
CA ASN A 130 4.00 -27.98 14.33
C ASN A 130 4.02 -28.08 12.80
N PRO A 131 5.21 -27.99 12.19
CA PRO A 131 5.29 -27.94 10.72
C PRO A 131 4.46 -29.00 10.02
N PRO A 132 3.49 -28.56 9.20
CA PRO A 132 2.61 -29.45 8.47
C PRO A 132 3.32 -30.02 7.23
N ILE A 133 2.68 -31.00 6.62
CA ILE A 133 3.18 -31.62 5.42
C ILE A 133 2.19 -31.31 4.29
N TYR A 134 2.71 -30.75 3.20
CA TYR A 134 1.91 -30.43 2.01
C TYR A 134 2.18 -31.46 0.93
N GLY A 135 1.15 -32.12 0.42
CA GLY A 135 1.34 -32.99 -0.74
C GLY A 135 1.25 -32.14 -2.00
N ALA A 136 2.20 -31.23 -2.18
CA ALA A 136 2.13 -30.29 -3.31
C ALA A 136 2.84 -30.83 -4.55
N ASP A 137 2.46 -30.26 -5.71
CA ASP A 137 3.19 -30.47 -6.97
C ASP A 137 3.13 -31.86 -7.45
N VAL A 138 1.99 -32.51 -7.26
CA VAL A 138 1.83 -33.85 -7.77
C VAL A 138 1.31 -33.84 -9.22
N ASN A 139 2.10 -34.43 -10.11
CA ASN A 139 1.76 -34.58 -11.52
C ASN A 139 0.50 -35.40 -11.72
N GLY A 140 -0.58 -34.79 -12.20
CA GLY A 140 -1.78 -35.56 -12.54
C GLY A 140 -3.06 -34.75 -12.57
N THR A 141 -4.14 -35.39 -13.04
CA THR A 141 -5.51 -34.86 -12.97
C THR A 141 -6.40 -35.82 -12.23
N LEU A 142 -7.39 -35.27 -11.54
CA LEU A 142 -8.54 -36.04 -11.07
C LEU A 142 -9.78 -35.89 -11.97
N TYR A 143 -9.66 -35.19 -13.09
CA TYR A 143 -10.75 -35.12 -14.09
C TYR A 143 -10.93 -36.43 -14.81
N GLU A 144 -12.19 -36.81 -15.03
CA GLU A 144 -12.49 -37.92 -15.92
C GLU A 144 -12.23 -37.52 -17.39
N LYS A 145 -11.80 -38.50 -18.17
CA LYS A 145 -11.32 -38.31 -19.56
C LYS A 145 -12.25 -37.52 -20.49
N HIS A 146 -13.55 -37.72 -20.31
CA HIS A 146 -14.60 -37.22 -21.21
C HIS A 146 -15.06 -35.78 -20.90
N VAL A 147 -14.61 -35.23 -19.75
CA VAL A 147 -15.07 -33.91 -19.27
C VAL A 147 -14.49 -32.78 -20.12
N ASP A 148 -15.39 -32.09 -20.84
CA ASP A 148 -15.00 -31.09 -21.85
C ASP A 148 -14.95 -29.66 -21.35
N GLU A 149 -15.63 -29.38 -20.24
CA GLU A 149 -15.78 -28.03 -19.75
C GLU A 149 -14.76 -27.81 -18.67
N TRP A 150 -13.95 -26.77 -18.84
CA TRP A 150 -12.98 -26.36 -17.82
C TRP A 150 -12.08 -27.49 -17.36
N ASN A 151 -11.67 -28.34 -18.30
CA ASN A 151 -10.76 -29.44 -18.01
C ASN A 151 -9.34 -28.92 -17.88
N ILE A 152 -8.86 -28.85 -16.65
CA ILE A 152 -7.54 -28.31 -16.31
C ILE A 152 -6.36 -28.99 -17.07
N GLY A 153 -6.53 -30.24 -17.47
CA GLY A 153 -5.56 -30.94 -18.32
C GLY A 153 -5.61 -30.63 -19.81
N ARG A 154 -6.59 -29.85 -20.28
CA ARG A 154 -6.70 -29.46 -21.70
C ARG A 154 -7.62 -28.26 -21.88
N LEU A 155 -7.14 -27.09 -21.49
CA LEU A 155 -7.96 -25.87 -21.54
C LEU A 155 -8.05 -25.26 -22.94
N ARG A 156 -7.07 -25.57 -23.79
CA ARG A 156 -7.01 -25.15 -25.19
C ARG A 156 -6.76 -23.66 -25.43
N THR A 157 -5.98 -23.06 -24.54
CA THR A 157 -5.64 -21.66 -24.63
C THR A 157 -4.40 -21.52 -25.48
N ILE A 158 -3.96 -20.29 -25.73
CA ILE A 158 -2.78 -20.10 -26.55
C ILE A 158 -1.48 -20.51 -25.81
N LEU A 159 -1.51 -20.75 -24.51
CA LEU A 159 -0.34 -21.38 -23.83
C LEU A 159 0.05 -22.68 -24.53
N ASP A 160 -0.92 -23.36 -25.17
CA ASP A 160 -0.62 -24.57 -25.98
C ASP A 160 0.35 -24.36 -27.13
N LEU A 161 0.58 -23.12 -27.53
CA LEU A 161 1.62 -22.80 -28.52
C LEU A 161 3.05 -23.18 -28.12
N VAL A 162 3.29 -23.28 -26.82
CA VAL A 162 4.63 -23.65 -26.30
C VAL A 162 4.97 -25.10 -26.68
N GLU A 163 4.13 -26.05 -26.27
CA GLU A 163 4.34 -27.46 -26.64
C GLU A 163 4.21 -27.68 -28.15
N LYS A 164 3.20 -27.05 -28.75
CA LYS A 164 2.99 -27.10 -30.22
C LYS A 164 4.25 -26.77 -31.03
N GLU A 165 4.89 -25.63 -30.72
CA GLU A 165 6.10 -25.21 -31.46
C GLU A 165 7.38 -25.97 -31.12
N SER A 166 7.49 -26.45 -29.90
CA SER A 166 8.79 -26.88 -29.39
C SER A 166 8.81 -28.28 -28.77
N GLY A 167 7.63 -28.79 -28.38
CA GLY A 167 7.53 -30.12 -27.80
C GLY A 167 7.73 -30.05 -26.30
N ILE A 168 8.05 -28.86 -25.81
CA ILE A 168 8.42 -28.67 -24.43
C ILE A 168 7.23 -28.67 -23.49
N THR A 169 7.31 -29.60 -22.53
CA THR A 169 6.41 -29.74 -21.42
C THR A 169 7.09 -29.14 -20.19
N ILE A 170 6.35 -28.25 -19.51
CA ILE A 170 6.77 -27.66 -18.24
C ILE A 170 5.75 -28.06 -17.16
N GLU A 171 6.17 -28.95 -16.26
CA GLU A 171 5.25 -29.55 -15.27
C GLU A 171 4.58 -28.53 -14.40
N GLY A 172 3.26 -28.67 -14.23
CA GLY A 172 2.44 -27.69 -13.50
C GLY A 172 2.09 -26.41 -14.28
N VAL A 173 2.82 -26.19 -15.37
CA VAL A 173 2.64 -24.97 -16.16
C VAL A 173 1.78 -25.29 -17.36
N ASN A 174 2.25 -26.17 -18.25
CA ASN A 174 1.35 -26.63 -19.30
C ASN A 174 0.91 -28.06 -19.05
N THR A 175 1.07 -28.54 -17.80
CA THR A 175 0.51 -29.83 -17.35
C THR A 175 -0.19 -29.62 -15.98
N PRO A 176 -1.15 -30.50 -15.60
CA PRO A 176 -1.76 -30.23 -14.28
C PRO A 176 -0.93 -30.72 -13.09
N TYR A 177 -1.08 -30.03 -11.96
CA TYR A 177 -0.57 -30.44 -10.66
C TYR A 177 -1.72 -30.70 -9.69
N LEU A 178 -1.57 -31.71 -8.84
CA LEU A 178 -2.48 -31.90 -7.71
C LEU A 178 -1.83 -31.42 -6.42
N TYR A 179 -2.65 -30.90 -5.50
CA TYR A 179 -2.17 -30.41 -4.20
C TYR A 179 -3.08 -30.97 -3.13
N PHE A 180 -2.58 -31.93 -2.35
CA PHE A 180 -3.24 -32.41 -1.15
C PHE A 180 -2.77 -31.63 0.04
N GLY A 181 -3.72 -30.91 0.66
CA GLY A 181 -3.40 -29.99 1.75
C GLY A 181 -3.83 -30.59 3.09
N MET A 182 -3.36 -30.00 4.18
CA MET A 182 -3.78 -30.37 5.51
C MET A 182 -3.79 -29.03 6.20
N TRP A 183 -4.37 -28.97 7.40
CA TRP A 183 -4.40 -27.70 8.15
C TRP A 183 -3.04 -27.02 8.13
N LYS A 184 -3.04 -25.73 7.75
CA LYS A 184 -1.94 -24.81 7.97
C LYS A 184 -0.86 -24.90 6.91
N THR A 185 -1.06 -25.73 5.90
CA THR A 185 -0.16 -25.78 4.74
C THR A 185 -0.44 -24.49 3.97
N SER A 186 0.60 -23.92 3.39
CA SER A 186 0.44 -22.61 2.81
C SER A 186 1.12 -22.43 1.50
N PHE A 187 0.68 -21.40 0.79
CA PHE A 187 1.40 -21.01 -0.40
C PHE A 187 1.80 -19.55 -0.22
N ALA A 188 3.08 -19.30 -0.44
CA ALA A 188 3.71 -18.04 -0.26
C ALA A 188 3.25 -17.06 -1.35
N TRP A 189 3.54 -15.79 -1.11
CA TRP A 189 3.29 -14.66 -2.09
C TRP A 189 4.07 -14.85 -3.34
N HIS A 190 3.34 -15.03 -4.44
CA HIS A 190 3.96 -15.15 -5.74
C HIS A 190 2.98 -14.68 -6.84
N THR A 191 3.54 -14.37 -8.01
CA THR A 191 2.74 -14.37 -9.24
C THR A 191 3.10 -15.65 -9.98
N GLU A 192 2.38 -15.99 -11.06
CA GLU A 192 2.70 -17.19 -11.80
C GLU A 192 3.99 -17.16 -12.58
N ASP A 193 4.52 -18.34 -12.90
CA ASP A 193 5.65 -18.38 -13.79
C ASP A 193 5.33 -17.56 -15.05
N MET A 194 6.28 -16.73 -15.48
CA MET A 194 6.12 -15.82 -16.66
C MET A 194 4.94 -14.86 -16.58
N ASP A 195 4.45 -14.63 -15.35
CA ASP A 195 3.28 -13.81 -15.04
C ASP A 195 2.02 -14.26 -15.81
N LEU A 196 1.87 -15.58 -15.95
CA LEU A 196 0.74 -16.26 -16.51
C LEU A 196 -0.51 -16.19 -15.62
N TYR A 197 -1.67 -16.58 -16.18
CA TYR A 197 -2.85 -16.89 -15.39
C TYR A 197 -2.68 -18.29 -14.75
N SER A 198 -3.44 -18.54 -13.67
CA SER A 198 -3.56 -19.88 -13.16
C SER A 198 -5.01 -20.16 -12.96
N ILE A 199 -5.36 -21.43 -13.06
CA ILE A 199 -6.66 -21.93 -12.70
C ILE A 199 -6.46 -22.94 -11.54
N ASN A 200 -7.40 -22.96 -10.60
CA ASN A 200 -7.26 -23.83 -9.41
C ASN A 200 -8.63 -24.34 -9.03
N TYR A 201 -8.83 -25.65 -9.08
CA TYR A 201 -10.09 -26.23 -8.72
C TYR A 201 -9.95 -27.08 -7.47
N LEU A 202 -10.83 -26.85 -6.50
CA LEU A 202 -10.81 -27.61 -5.26
C LEU A 202 -11.74 -28.77 -5.41
N HIS A 203 -11.17 -29.94 -5.71
CA HIS A 203 -11.92 -31.22 -5.85
C HIS A 203 -12.72 -31.61 -4.62
N PHE A 204 -12.11 -31.49 -3.45
CA PHE A 204 -12.76 -31.98 -2.22
C PHE A 204 -12.07 -31.50 -0.97
N GLY A 205 -12.78 -31.56 0.14
CA GLY A 205 -12.18 -31.30 1.43
C GLY A 205 -12.52 -29.95 1.96
N GLU A 206 -11.70 -29.54 2.93
CA GLU A 206 -11.83 -28.27 3.63
C GLU A 206 -11.39 -27.13 2.71
N PRO A 207 -11.80 -25.91 3.05
CA PRO A 207 -11.50 -24.75 2.18
C PRO A 207 -10.02 -24.40 2.08
N LYS A 208 -9.75 -23.62 1.04
CA LYS A 208 -8.49 -23.01 0.78
C LYS A 208 -8.79 -21.49 0.81
N SER A 209 -8.07 -20.77 1.67
CA SER A 209 -8.22 -19.32 1.78
C SER A 209 -7.09 -18.61 1.05
N TRP A 210 -7.44 -17.51 0.36
CA TRP A 210 -6.55 -16.79 -0.56
C TRP A 210 -6.47 -15.33 -0.18
N TYR A 211 -5.32 -14.73 -0.44
CA TYR A 211 -5.12 -13.29 -0.34
C TYR A 211 -4.64 -12.87 -1.74
N SER A 212 -4.91 -11.63 -2.15
CA SER A 212 -4.52 -11.20 -3.48
C SER A 212 -4.23 -9.71 -3.44
N VAL A 213 -3.23 -9.27 -4.22
CA VAL A 213 -2.92 -7.88 -4.31
C VAL A 213 -3.20 -7.53 -5.80
N PRO A 214 -3.95 -6.45 -6.05
CA PRO A 214 -4.22 -6.08 -7.47
C PRO A 214 -2.95 -5.93 -8.25
N PRO A 215 -2.91 -6.44 -9.49
CA PRO A 215 -1.78 -6.21 -10.40
C PRO A 215 -1.32 -4.75 -10.47
N GLU A 216 -2.24 -3.80 -10.28
CA GLU A 216 -1.95 -2.35 -10.31
C GLU A 216 -1.15 -1.92 -9.08
N HIS A 217 -1.17 -2.71 -8.00
CA HIS A 217 -0.31 -2.42 -6.81
C HIS A 217 0.76 -3.48 -6.53
N GLY A 218 0.90 -4.41 -7.45
CA GLY A 218 1.95 -5.42 -7.44
C GLY A 218 3.36 -4.91 -7.16
N LYS A 219 3.77 -3.80 -7.78
CA LYS A 219 5.11 -3.27 -7.57
C LYS A 219 5.23 -2.68 -6.21
N ARG A 220 4.11 -2.26 -5.64
CA ARG A 220 4.12 -1.78 -4.28
C ARG A 220 4.40 -2.90 -3.24
N LEU A 221 3.81 -4.07 -3.43
CA LEU A 221 4.16 -5.27 -2.64
C LEU A 221 5.64 -5.69 -2.75
N GLU A 222 6.16 -5.72 -3.99
CA GLU A 222 7.58 -6.00 -4.25
C GLU A 222 8.51 -5.04 -3.56
N ARG A 223 8.19 -3.73 -3.59
CA ARG A 223 8.97 -2.73 -2.87
C ARG A 223 8.99 -2.96 -1.35
N LEU A 224 7.84 -3.31 -0.79
CA LEU A 224 7.76 -3.74 0.59
C LEU A 224 8.62 -5.00 0.90
N ALA A 225 8.38 -6.07 0.16
CA ALA A 225 9.13 -7.31 0.27
C ALA A 225 10.64 -7.08 0.20
N LYS A 226 11.10 -6.24 -0.75
CA LYS A 226 12.53 -5.94 -0.89
C LYS A 226 13.09 -5.20 0.32
N GLY A 227 12.28 -4.35 0.92
CA GLY A 227 12.67 -3.64 2.13
C GLY A 227 12.69 -4.58 3.32
N PHE A 228 11.77 -5.52 3.37
CA PHE A 228 11.75 -6.49 4.48
C PHE A 228 12.84 -7.55 4.37
N PHE A 229 13.21 -7.91 3.15
CA PHE A 229 14.23 -8.93 2.91
C PHE A 229 15.31 -8.43 1.97
N PRO A 230 16.13 -7.46 2.44
CA PRO A 230 17.10 -6.81 1.57
C PRO A 230 18.23 -7.75 1.10
N GLY A 231 18.53 -8.78 1.90
CA GLY A 231 19.57 -9.73 1.53
C GLY A 231 19.15 -10.56 0.34
N SER A 232 17.89 -11.02 0.36
CA SER A 232 17.26 -11.74 -0.76
C SER A 232 17.12 -10.89 -2.05
N ALA A 233 16.71 -9.64 -1.87
CA ALA A 233 16.64 -8.67 -2.97
C ALA A 233 17.98 -8.48 -3.70
N GLN A 234 19.08 -8.50 -2.96
CA GLN A 234 20.39 -8.32 -3.60
C GLN A 234 20.87 -9.57 -4.33
N SER A 235 20.45 -10.73 -3.86
CA SER A 235 20.86 -12.03 -4.44
C SER A 235 20.10 -12.37 -5.71
N CYS A 236 18.85 -11.94 -5.77
CA CYS A 236 17.98 -12.33 -6.84
C CYS A 236 17.07 -11.17 -7.25
N GLU A 237 16.90 -10.99 -8.56
CA GLU A 237 16.04 -9.93 -9.12
C GLU A 237 14.56 -10.20 -8.91
N ALA A 238 14.23 -11.44 -8.57
CA ALA A 238 12.82 -11.79 -8.38
C ALA A 238 12.65 -12.88 -7.28
N PHE A 239 13.08 -12.54 -6.07
CA PHE A 239 13.16 -13.50 -4.94
C PHE A 239 11.84 -14.04 -4.51
N LEU A 240 10.76 -13.30 -4.80
CA LEU A 240 9.42 -13.81 -4.48
C LEU A 240 9.04 -15.07 -5.27
N ARG A 241 9.71 -15.27 -6.41
CA ARG A 241 9.49 -16.47 -7.23
C ARG A 241 10.01 -17.75 -6.55
N HIS A 242 10.83 -17.59 -5.51
CA HIS A 242 11.24 -18.78 -4.72
C HIS A 242 10.09 -19.36 -3.96
N LYS A 243 9.02 -18.57 -3.79
CA LYS A 243 7.81 -18.98 -3.11
C LYS A 243 8.11 -19.39 -1.64
N MET A 244 8.88 -18.54 -0.97
CA MET A 244 9.26 -18.76 0.41
C MET A 244 8.77 -17.66 1.33
N THR A 245 8.13 -16.61 0.79
CA THR A 245 7.93 -15.39 1.55
C THR A 245 6.48 -15.30 2.01
N LEU A 246 6.22 -15.26 3.31
CA LEU A 246 4.84 -15.09 3.81
C LEU A 246 4.74 -13.75 4.51
N ILE A 247 3.65 -13.02 4.24
CA ILE A 247 3.41 -11.69 4.78
C ILE A 247 1.96 -11.65 5.20
N SER A 248 1.68 -11.38 6.49
CA SER A 248 0.29 -11.41 6.96
C SER A 248 -0.51 -10.23 6.43
N PRO A 249 -1.84 -10.38 6.39
CA PRO A 249 -2.71 -9.25 6.01
C PRO A 249 -2.57 -8.07 6.95
N LEU A 250 -2.30 -8.26 8.24
CA LEU A 250 -2.01 -7.13 9.13
C LEU A 250 -0.77 -6.27 8.76
N MET A 251 0.27 -6.95 8.28
CA MET A 251 1.48 -6.32 7.76
C MET A 251 1.15 -5.54 6.46
N LEU A 252 0.43 -6.16 5.53
CA LEU A 252 -0.04 -5.42 4.33
C LEU A 252 -0.83 -4.18 4.69
N LYS A 253 -1.78 -4.28 5.62
CA LYS A 253 -2.54 -3.08 6.05
C LYS A 253 -1.66 -2.01 6.67
N LYS A 254 -0.69 -2.45 7.51
CA LYS A 254 0.25 -1.54 8.17
C LYS A 254 1.03 -0.71 7.14
N TYR A 255 1.32 -1.27 5.98
CA TYR A 255 2.07 -0.53 4.95
C TYR A 255 1.27 -0.06 3.72
N GLY A 256 -0.04 -0.03 3.85
CA GLY A 256 -0.93 0.56 2.87
C GLY A 256 -0.96 -0.19 1.57
N ILE A 257 -0.76 -1.52 1.61
CA ILE A 257 -0.86 -2.31 0.40
C ILE A 257 -2.29 -2.84 0.26
N PRO A 258 -2.99 -2.44 -0.84
CA PRO A 258 -4.34 -2.95 -1.05
C PRO A 258 -4.31 -4.43 -1.29
N PHE A 259 -5.29 -5.13 -0.74
CA PHE A 259 -5.38 -6.57 -0.89
C PHE A 259 -6.81 -6.97 -0.59
N ASP A 260 -7.21 -8.13 -1.10
CA ASP A 260 -8.51 -8.67 -0.76
C ASP A 260 -8.33 -10.12 -0.30
N LYS A 261 -9.33 -10.69 0.37
CA LYS A 261 -9.26 -12.11 0.71
C LYS A 261 -10.52 -12.81 0.21
N VAL A 262 -10.42 -14.13 0.01
CA VAL A 262 -11.56 -14.97 -0.39
C VAL A 262 -11.25 -16.39 0.04
N THR A 263 -12.31 -17.11 0.42
CA THR A 263 -12.21 -18.51 0.77
C THR A 263 -12.85 -19.35 -0.33
N GLN A 264 -12.05 -20.24 -0.92
CA GLN A 264 -12.50 -21.20 -1.91
C GLN A 264 -12.99 -22.49 -1.24
N GLU A 265 -14.22 -22.89 -1.52
CA GLU A 265 -14.77 -24.13 -0.94
C GLU A 265 -14.78 -25.24 -1.98
N ALA A 266 -14.97 -26.50 -1.54
CA ALA A 266 -14.91 -27.64 -2.46
C ALA A 266 -15.91 -27.47 -3.60
N GLY A 267 -15.44 -27.63 -4.83
CA GLY A 267 -16.29 -27.44 -5.98
C GLY A 267 -16.20 -26.11 -6.71
N GLU A 268 -15.34 -25.21 -6.27
CA GLU A 268 -15.22 -23.88 -6.88
C GLU A 268 -13.87 -23.65 -7.56
N PHE A 269 -13.84 -22.89 -8.67
CA PHE A 269 -12.58 -22.55 -9.32
C PHE A 269 -12.07 -21.23 -8.81
N MET A 270 -10.74 -21.10 -8.71
CA MET A 270 -10.12 -19.78 -8.58
C MET A 270 -9.36 -19.52 -9.86
N ILE A 271 -9.36 -18.26 -10.27
CA ILE A 271 -8.59 -17.87 -11.42
C ILE A 271 -7.65 -16.79 -10.94
N THR A 272 -6.36 -16.95 -11.18
CA THR A 272 -5.48 -15.83 -10.93
C THR A 272 -5.01 -15.21 -12.22
N PHE A 273 -4.80 -13.90 -12.21
CA PHE A 273 -4.59 -13.14 -13.42
C PHE A 273 -3.13 -12.71 -13.47
N PRO A 274 -2.59 -12.40 -14.70
CA PRO A 274 -1.23 -12.00 -14.89
C PRO A 274 -0.80 -10.93 -13.96
N TYR A 275 0.33 -11.17 -13.28
CA TYR A 275 0.84 -10.23 -12.29
C TYR A 275 -0.01 -9.98 -11.02
N GLY A 276 -0.94 -10.88 -10.73
CA GLY A 276 -1.75 -10.78 -9.53
C GLY A 276 -1.01 -11.63 -8.45
N TYR A 277 -0.38 -10.98 -7.49
CA TYR A 277 0.28 -11.72 -6.37
C TYR A 277 -0.78 -12.35 -5.52
N HIS A 278 -0.61 -13.62 -5.14
CA HIS A 278 -1.57 -14.27 -4.27
C HIS A 278 -0.76 -15.18 -3.25
N ALA A 279 -1.40 -15.51 -2.16
CA ALA A 279 -0.82 -16.32 -1.07
C ALA A 279 -2.03 -16.93 -0.35
N GLY A 280 -1.80 -17.92 0.53
CA GLY A 280 -2.95 -18.53 1.15
C GLY A 280 -2.59 -19.75 1.97
N PHE A 281 -3.62 -20.43 2.45
CA PHE A 281 -3.44 -21.56 3.37
C PHE A 281 -4.66 -22.43 3.22
N ASN A 282 -4.46 -23.70 3.55
CA ASN A 282 -5.51 -24.71 3.60
C ASN A 282 -6.03 -24.89 5.00
N HIS A 283 -7.35 -25.10 5.09
CA HIS A 283 -8.09 -25.23 6.35
C HIS A 283 -7.95 -26.61 6.95
N GLY A 284 -7.66 -27.59 6.11
CA GLY A 284 -7.73 -28.97 6.57
C GLY A 284 -7.43 -29.82 5.37
N PHE A 285 -7.70 -31.12 5.49
CA PHE A 285 -7.45 -32.05 4.40
C PHE A 285 -8.30 -31.72 3.17
N ASN A 286 -7.63 -31.43 2.06
CA ASN A 286 -8.32 -31.16 0.81
C ASN A 286 -7.49 -31.62 -0.38
N CYS A 287 -8.03 -31.47 -1.59
CA CYS A 287 -7.26 -31.74 -2.79
C CYS A 287 -7.64 -30.70 -3.82
N ALA A 288 -6.63 -30.00 -4.36
CA ALA A 288 -6.78 -29.01 -5.47
C ALA A 288 -6.01 -29.47 -6.70
N GLU A 289 -6.56 -29.22 -7.89
CA GLU A 289 -5.85 -29.36 -9.15
C GLU A 289 -5.59 -27.96 -9.74
N SER A 290 -4.41 -27.77 -10.34
CA SER A 290 -4.03 -26.48 -10.84
C SER A 290 -3.12 -26.53 -12.09
N THR A 291 -3.21 -25.50 -12.93
CA THR A 291 -2.31 -25.34 -14.07
C THR A 291 -2.29 -23.85 -14.49
N ASN A 292 -1.35 -23.52 -15.37
CA ASN A 292 -1.32 -22.16 -15.92
C ASN A 292 -2.04 -22.06 -17.26
N PHE A 293 -2.38 -20.85 -17.65
CA PHE A 293 -2.94 -20.67 -18.98
C PHE A 293 -2.61 -19.25 -19.42
N ALA A 294 -2.93 -18.95 -20.68
CA ALA A 294 -2.52 -17.68 -21.23
C ALA A 294 -3.71 -17.15 -22.08
N THR A 295 -3.75 -15.85 -22.30
CA THR A 295 -4.66 -15.22 -23.28
C THR A 295 -3.79 -14.24 -24.04
N ARG A 296 -4.30 -13.59 -25.10
CA ARG A 296 -3.51 -12.57 -25.78
C ARG A 296 -3.09 -11.45 -24.87
N ARG A 297 -3.95 -11.08 -23.93
CA ARG A 297 -3.62 -10.01 -23.00
C ARG A 297 -2.36 -10.38 -22.12
N TRP A 298 -2.07 -11.67 -21.92
CA TRP A 298 -0.91 -12.09 -21.09
C TRP A 298 0.40 -11.76 -21.78
N ILE A 299 0.37 -11.72 -23.10
CA ILE A 299 1.57 -11.63 -23.89
C ILE A 299 2.51 -10.51 -23.51
N GLU A 300 2.03 -9.28 -23.30
CA GLU A 300 2.90 -8.19 -22.86
C GLU A 300 3.45 -8.50 -21.42
N TYR A 301 2.66 -9.12 -20.58
CA TYR A 301 3.13 -9.55 -19.24
C TYR A 301 4.29 -10.52 -19.42
N GLY A 302 4.12 -11.55 -20.25
CA GLY A 302 5.19 -12.52 -20.50
C GLY A 302 6.47 -11.87 -20.96
N LYS A 303 6.34 -10.88 -21.85
CA LYS A 303 7.50 -10.20 -22.39
C LYS A 303 8.25 -9.40 -21.34
N GLN A 304 7.52 -8.85 -20.39
CA GLN A 304 8.10 -7.97 -19.40
C GLN A 304 8.31 -8.67 -18.05
N ALA A 305 7.99 -9.96 -17.91
CA ALA A 305 8.17 -10.67 -16.62
C ALA A 305 9.60 -10.65 -16.16
N VAL A 306 9.81 -10.35 -14.87
CA VAL A 306 11.17 -10.35 -14.27
C VAL A 306 11.36 -11.73 -13.59
N LEU A 307 12.33 -12.50 -14.07
CA LEU A 307 12.48 -13.89 -13.67
C LEU A 307 13.58 -14.06 -12.61
N CYS A 308 13.51 -15.16 -11.86
CA CYS A 308 14.54 -15.48 -10.87
C CYS A 308 15.90 -15.67 -11.56
N SER A 309 16.90 -14.94 -11.08
CA SER A 309 18.23 -14.84 -11.67
C SER A 309 19.36 -15.65 -10.96
N CYS A 310 18.98 -16.51 -10.02
CA CYS A 310 19.94 -17.15 -9.11
C CYS A 310 19.76 -18.67 -9.04
N ARG A 311 18.65 -19.16 -9.60
CA ARG A 311 18.41 -20.59 -9.79
C ARG A 311 18.43 -20.89 -11.28
N LYS A 312 18.99 -22.04 -11.65
CA LYS A 312 19.12 -22.48 -13.06
C LYS A 312 17.85 -23.23 -13.57
N ASP A 313 17.04 -23.74 -12.62
CA ASP A 313 15.91 -24.64 -12.89
C ASP A 313 14.54 -23.92 -12.90
N MET A 314 14.60 -22.59 -12.91
CA MET A 314 13.42 -21.74 -12.88
C MET A 314 12.70 -21.76 -14.26
N VAL A 315 11.41 -21.44 -14.28
CA VAL A 315 10.61 -21.49 -15.53
C VAL A 315 10.79 -20.24 -16.45
N LYS A 316 11.30 -20.47 -17.67
CA LYS A 316 11.43 -19.45 -18.71
C LYS A 316 10.81 -19.96 -20.01
N ILE A 317 9.89 -19.17 -20.57
CA ILE A 317 9.18 -19.50 -21.81
C ILE A 317 9.67 -18.46 -22.81
N SER A 318 10.20 -18.91 -23.95
CA SER A 318 10.61 -18.05 -25.05
C SER A 318 9.36 -17.28 -25.53
N MET A 319 9.45 -15.97 -25.63
CA MET A 319 8.28 -15.17 -26.04
C MET A 319 8.15 -15.06 -27.55
N ASP A 320 9.19 -15.49 -28.26
CA ASP A 320 9.38 -15.29 -29.69
C ASP A 320 8.13 -15.66 -30.50
N VAL A 321 7.59 -16.86 -30.25
CA VAL A 321 6.48 -17.40 -31.04
C VAL A 321 5.22 -16.54 -30.85
N PHE A 322 4.98 -16.12 -29.61
CA PHE A 322 3.84 -15.29 -29.25
C PHE A 322 3.93 -13.89 -29.87
N VAL A 323 5.11 -13.28 -29.89
CA VAL A 323 5.28 -11.94 -30.49
C VAL A 323 5.18 -12.00 -32.03
N ARG A 324 5.76 -13.04 -32.64
CA ARG A 324 5.64 -13.26 -34.08
C ARG A 324 4.17 -13.44 -34.48
N LYS A 325 3.51 -14.35 -33.80
CA LYS A 325 2.11 -14.67 -34.07
C LYS A 325 1.17 -13.48 -33.78
N PHE A 326 1.26 -12.88 -32.59
CA PHE A 326 0.21 -11.96 -32.13
C PHE A 326 0.60 -10.50 -32.08
N GLN A 327 1.86 -10.20 -32.31
CA GLN A 327 2.31 -8.80 -32.36
C GLN A 327 3.31 -8.61 -33.45
N PRO A 328 3.00 -9.09 -34.68
CA PRO A 328 3.97 -9.04 -35.79
C PRO A 328 4.62 -7.68 -36.05
N GLU A 329 3.92 -6.58 -35.75
CA GLU A 329 4.46 -5.21 -36.03
C GLU A 329 5.61 -4.87 -35.10
N ARG A 330 5.50 -5.38 -33.88
CA ARG A 330 6.39 -5.05 -32.79
C ARG A 330 7.57 -6.01 -32.74
N TYR A 331 7.48 -7.11 -33.50
CA TYR A 331 8.50 -8.15 -33.44
C TYR A 331 9.95 -7.67 -33.62
N LYS A 332 10.22 -6.92 -34.69
CA LYS A 332 11.58 -6.46 -34.98
C LYS A 332 12.06 -5.41 -33.97
N LEU A 333 11.14 -4.57 -33.54
CA LEU A 333 11.39 -3.58 -32.47
C LEU A 333 11.69 -4.24 -31.10
N TRP A 334 10.96 -5.29 -30.78
CA TRP A 334 11.15 -6.02 -29.56
C TRP A 334 12.49 -6.77 -29.58
N LYS A 335 12.84 -7.28 -30.75
CA LYS A 335 14.11 -7.94 -31.00
C LYS A 335 15.30 -6.98 -30.94
N ALA A 336 15.16 -5.78 -31.49
CA ALA A 336 16.18 -4.73 -31.35
C ALA A 336 16.26 -4.15 -29.92
N GLY A 337 15.41 -4.65 -29.02
CA GLY A 337 15.31 -4.19 -27.63
C GLY A 337 14.74 -2.79 -27.43
N LYS A 338 13.93 -2.32 -28.39
CA LYS A 338 13.39 -0.96 -28.39
C LYS A 338 11.85 -0.87 -28.29
N ASP A 339 11.20 -1.93 -27.80
CA ASP A 339 9.75 -1.97 -27.61
C ASP A 339 9.40 -1.39 -26.23
N ASN A 340 8.96 -0.13 -26.21
CA ASN A 340 8.71 0.60 -24.96
C ASN A 340 7.29 0.46 -24.40
N THR A 341 6.50 -0.51 -24.89
CA THR A 341 5.09 -0.68 -24.45
C THR A 341 4.93 -0.66 -22.93
N VAL A 342 3.97 0.13 -22.47
CA VAL A 342 3.62 0.20 -21.06
C VAL A 342 2.33 -0.60 -20.91
N ILE A 343 2.32 -1.51 -19.94
CA ILE A 343 1.12 -2.27 -19.59
C ILE A 343 0.10 -1.43 -18.81
N ASP A 344 -1.17 -1.53 -19.20
CA ASP A 344 -2.31 -0.92 -18.53
C ASP A 344 -3.08 -2.08 -17.91
N HIS A 345 -3.02 -2.20 -16.58
CA HIS A 345 -3.55 -3.40 -15.88
C HIS A 345 -5.08 -3.51 -15.92
N THR A 346 -5.74 -2.39 -16.18
CA THR A 346 -7.20 -2.36 -16.22
C THR A 346 -7.77 -2.83 -17.56
N LEU A 347 -6.98 -2.70 -18.62
CA LEU A 347 -7.46 -2.95 -19.97
C LEU A 347 -7.77 -4.44 -20.23
N PRO A 348 -9.01 -4.78 -20.65
CA PRO A 348 -9.17 -6.11 -21.24
C PRO A 348 -8.70 -6.11 -22.71
N ASN B 11 14.53 -0.46 7.21
CA ASN B 11 14.05 0.35 6.03
C ASN B 11 12.56 0.64 6.08
N PRO B 12 11.70 -0.39 5.96
CA PRO B 12 10.29 -0.27 6.29
C PRO B 12 10.12 0.08 7.76
N SER B 13 11.18 -0.11 8.54
CA SER B 13 11.25 0.38 9.93
C SER B 13 11.14 1.91 9.94
N ALA B 14 11.41 2.56 8.78
CA ALA B 14 11.24 4.03 8.59
C ALA B 14 10.38 4.41 7.35
N ARG B 15 9.50 3.50 6.94
CA ARG B 15 8.45 3.76 5.93
C ARG B 15 7.12 4.12 6.59
N ILE B 16 6.32 4.88 5.85
CA ILE B 16 5.07 5.42 6.33
C ILE B 16 4.13 4.30 6.70
N MET B 17 3.60 4.32 7.94
CA MET B 17 2.71 3.28 8.43
C MET B 17 1.31 3.85 8.60
N THR B 18 0.34 2.96 8.46
CA THR B 18 -1.08 3.23 8.61
C THR B 18 -1.62 2.36 9.74
N PHE B 19 -2.51 2.95 10.52
CA PHE B 19 -3.07 2.35 11.74
C PHE B 19 -4.56 2.44 11.69
N TYR B 20 -5.19 1.39 12.20
CA TYR B 20 -6.64 1.25 12.24
C TYR B 20 -7.14 1.04 13.68
N PRO B 21 -7.18 2.10 14.52
CA PRO B 21 -7.72 1.92 15.89
C PRO B 21 -9.17 1.48 15.95
N THR B 22 -9.49 0.69 16.97
CA THR B 22 -10.85 0.42 17.36
C THR B 22 -11.39 1.67 18.08
N MET B 23 -12.70 1.75 18.33
CA MET B 23 -13.28 2.91 19.05
C MET B 23 -12.69 3.10 20.43
N GLU B 24 -12.39 1.98 21.08
CA GLU B 24 -11.80 1.98 22.42
C GLU B 24 -10.37 2.52 22.37
N GLU B 25 -9.59 2.11 21.38
CA GLU B 25 -8.22 2.61 21.19
C GLU B 25 -8.18 4.10 20.79
N PHE B 26 -9.20 4.50 20.05
CA PHE B 26 -9.33 5.85 19.48
C PHE B 26 -9.73 6.93 20.48
N ARG B 27 -10.16 6.53 21.67
CA ARG B 27 -10.73 7.51 22.59
C ARG B 27 -9.69 8.32 23.35
N ASN B 28 -8.51 7.75 23.58
CA ASN B 28 -7.43 8.52 24.22
C ASN B 28 -6.38 8.92 23.19
N PHE B 29 -6.40 10.20 22.80
CA PHE B 29 -5.53 10.69 21.72
C PHE B 29 -4.05 10.44 22.00
N SER B 30 -3.53 10.98 23.11
CA SER B 30 -2.08 10.90 23.42
C SER B 30 -1.58 9.50 23.70
N ARG B 31 -2.46 8.66 24.25
CA ARG B 31 -2.19 7.26 24.44
C ARG B 31 -2.07 6.54 23.08
N TYR B 32 -2.91 6.89 22.11
CA TYR B 32 -2.75 6.31 20.78
C TYR B 32 -1.46 6.74 20.09
N ILE B 33 -1.10 8.02 20.25
CA ILE B 33 0.14 8.51 19.69
C ILE B 33 1.36 7.77 20.28
N ALA B 34 1.37 7.61 21.61
CA ALA B 34 2.40 6.80 22.28
C ALA B 34 2.39 5.38 21.73
N TYR B 35 1.21 4.82 21.50
CA TYR B 35 1.10 3.48 20.92
C TYR B 35 1.71 3.33 19.52
N ILE B 36 1.37 4.23 18.59
CA ILE B 36 1.92 4.11 17.24
C ILE B 36 3.42 4.34 17.25
N GLU B 37 3.92 5.19 18.14
CA GLU B 37 5.36 5.39 18.22
C GLU B 37 6.04 4.11 18.75
N SER B 38 5.42 3.41 19.70
CA SER B 38 5.90 2.08 20.11
C SER B 38 6.01 1.11 18.92
N GLN B 39 5.15 1.28 17.91
CA GLN B 39 5.18 0.47 16.70
C GLN B 39 6.12 1.06 15.62
N GLY B 40 6.73 2.20 15.92
CA GLY B 40 7.76 2.77 15.06
C GLY B 40 7.29 3.85 14.09
N ALA B 41 6.09 4.36 14.30
CA ALA B 41 5.46 5.31 13.33
C ALA B 41 6.30 6.57 13.13
N HIS B 42 6.99 7.01 14.19
CA HIS B 42 7.76 8.25 14.16
C HIS B 42 8.94 8.24 13.24
N ARG B 43 9.44 7.05 12.94
CA ARG B 43 10.64 6.86 12.15
C ARG B 43 10.52 7.47 10.74
N ALA B 44 9.36 7.29 10.14
CA ALA B 44 9.08 7.82 8.79
C ALA B 44 8.88 9.32 8.78
N GLY B 45 8.54 9.90 9.95
CA GLY B 45 8.17 11.32 10.07
C GLY B 45 6.70 11.62 9.84
N LEU B 46 5.96 10.62 9.33
CA LEU B 46 4.56 10.78 8.95
C LEU B 46 3.88 9.45 9.12
N ALA B 47 2.65 9.42 9.66
CA ALA B 47 1.87 8.19 9.76
C ALA B 47 0.41 8.51 9.39
N LYS B 48 -0.31 7.52 8.91
CA LYS B 48 -1.74 7.63 8.65
C LYS B 48 -2.51 6.90 9.74
N VAL B 49 -3.55 7.56 10.26
CA VAL B 49 -4.55 6.90 11.10
C VAL B 49 -5.93 6.94 10.45
N VAL B 50 -6.48 5.75 10.22
CA VAL B 50 -7.86 5.59 9.77
C VAL B 50 -8.76 5.40 10.99
N PRO B 51 -9.67 6.36 11.24
CA PRO B 51 -10.53 6.27 12.40
C PRO B 51 -11.59 5.17 12.23
N PRO B 52 -12.23 4.74 13.35
CA PRO B 52 -13.29 3.75 13.32
C PRO B 52 -14.43 4.20 12.42
N LYS B 53 -15.21 3.24 11.93
CA LYS B 53 -16.33 3.52 11.03
C LYS B 53 -17.46 4.26 11.73
N GLU B 54 -17.66 4.00 13.02
CA GLU B 54 -18.70 4.69 13.79
C GLU B 54 -18.38 6.15 14.18
N TRP B 55 -17.12 6.56 14.01
CA TRP B 55 -16.72 7.93 14.34
C TRP B 55 -16.92 8.85 13.14
N LYS B 56 -17.56 10.00 13.38
CA LYS B 56 -17.71 11.10 12.40
C LYS B 56 -17.58 12.42 13.16
N PRO B 57 -16.79 13.38 12.64
CA PRO B 57 -16.61 14.66 13.35
C PRO B 57 -17.75 15.65 13.14
N ARG B 58 -18.53 15.42 12.10
CA ARG B 58 -19.60 16.31 11.68
C ARG B 58 -20.60 15.48 10.88
N ALA B 59 -21.89 15.71 11.12
CA ALA B 59 -22.94 14.95 10.47
C ALA B 59 -23.08 15.22 8.95
N SER B 60 -22.67 16.42 8.51
CA SER B 60 -22.97 16.91 7.17
C SER B 60 -22.11 18.14 6.88
N TYR B 61 -21.56 18.23 5.67
CA TYR B 61 -20.83 19.41 5.24
C TYR B 61 -21.61 20.24 4.22
N ASP B 62 -22.94 20.20 4.34
CA ASP B 62 -23.85 20.89 3.42
C ASP B 62 -24.28 22.28 3.93
N ASP B 63 -23.74 22.69 5.08
CA ASP B 63 -24.12 23.98 5.67
C ASP B 63 -22.93 24.93 5.90
N ILE B 64 -21.91 24.82 5.06
CA ILE B 64 -20.68 25.62 5.21
C ILE B 64 -20.38 26.49 4.00
N ASP B 65 -21.32 26.58 3.07
CA ASP B 65 -21.10 27.35 1.85
C ASP B 65 -20.88 28.84 2.03
N ASP B 66 -21.44 29.42 3.11
CA ASP B 66 -21.27 30.85 3.39
C ASP B 66 -20.02 31.13 4.22
N LEU B 67 -19.20 30.10 4.48
CA LEU B 67 -17.95 30.25 5.20
C LEU B 67 -17.00 31.06 4.31
N VAL B 68 -16.39 32.07 4.92
CA VAL B 68 -15.49 32.98 4.23
C VAL B 68 -14.06 32.49 4.41
N ILE B 69 -13.33 32.44 3.31
CA ILE B 69 -11.88 32.22 3.27
C ILE B 69 -11.30 33.64 3.16
N PRO B 70 -10.79 34.20 4.28
CA PRO B 70 -10.49 35.63 4.29
C PRO B 70 -9.24 36.03 3.50
N ALA B 71 -8.35 35.08 3.27
CA ALA B 71 -7.09 35.36 2.60
C ALA B 71 -6.65 34.27 1.64
N PRO B 72 -7.44 33.97 0.58
CA PRO B 72 -6.98 32.89 -0.33
C PRO B 72 -5.61 33.22 -0.94
N ILE B 73 -4.83 32.21 -1.34
CA ILE B 73 -3.53 32.51 -1.93
C ILE B 73 -3.38 31.89 -3.29
N GLN B 74 -2.93 32.68 -4.23
CA GLN B 74 -2.53 32.17 -5.54
C GLN B 74 -1.08 31.74 -5.44
N GLN B 75 -0.83 30.49 -5.82
CA GLN B 75 0.51 29.90 -5.71
C GLN B 75 1.26 29.93 -7.03
N LEU B 76 2.08 30.97 -7.16
CA LEU B 76 3.06 31.12 -8.24
C LEU B 76 4.37 30.40 -7.94
N VAL B 77 4.81 29.59 -8.89
CA VAL B 77 5.93 28.65 -8.68
C VAL B 77 6.86 28.92 -9.85
N THR B 78 8.11 29.20 -9.53
CA THR B 78 9.17 29.41 -10.50
C THR B 78 10.25 28.34 -10.21
N GLY B 79 10.82 27.73 -11.25
CA GLY B 79 11.90 26.77 -11.03
C GLY B 79 12.10 25.87 -12.23
N GLN B 80 13.02 24.92 -12.07
CA GLN B 80 13.35 23.96 -13.12
C GLN B 80 14.15 22.80 -12.51
N SER B 81 14.26 21.70 -13.25
CA SER B 81 15.06 20.55 -12.87
C SER B 81 14.74 20.04 -11.47
N GLY B 82 13.47 20.06 -11.10
CA GLY B 82 12.99 19.55 -9.80
C GLY B 82 13.07 20.49 -8.59
N LEU B 83 13.64 21.69 -8.76
CA LEU B 83 13.80 22.66 -7.70
C LEU B 83 12.96 23.90 -7.96
N PHE B 84 12.06 24.26 -7.05
CA PHE B 84 11.08 25.35 -7.26
C PHE B 84 10.96 26.18 -6.00
N THR B 85 10.65 27.45 -6.23
CA THR B 85 10.27 28.42 -5.19
C THR B 85 8.82 28.82 -5.45
N GLN B 86 8.01 28.73 -4.40
CA GLN B 86 6.60 29.06 -4.43
C GLN B 86 6.35 30.41 -3.78
N TYR B 87 5.76 31.32 -4.54
CA TYR B 87 5.40 32.66 -4.08
C TYR B 87 3.91 32.71 -3.88
N ASN B 88 3.50 32.99 -2.65
CA ASN B 88 2.11 32.82 -2.27
C ASN B 88 1.41 34.17 -2.22
N ILE B 89 0.66 34.51 -3.30
CA ILE B 89 0.03 35.85 -3.52
C ILE B 89 -1.39 35.94 -2.95
N GLN B 90 -1.63 36.85 -2.03
CA GLN B 90 -2.93 36.99 -1.36
C GLN B 90 -4.00 37.53 -2.32
N LYS B 91 -5.12 36.81 -2.39
CA LYS B 91 -6.28 37.27 -3.16
C LYS B 91 -7.35 37.79 -2.22
N LYS B 92 -8.38 38.41 -2.80
CA LYS B 92 -9.52 38.90 -2.07
C LYS B 92 -10.32 37.74 -1.46
N ALA B 93 -10.99 38.04 -0.36
CA ALA B 93 -11.83 37.09 0.35
C ALA B 93 -12.86 36.49 -0.57
N MET B 94 -13.21 35.24 -0.30
CA MET B 94 -14.29 34.59 -0.99
C MET B 94 -14.88 33.56 -0.04
N THR B 95 -16.06 33.09 -0.38
CA THR B 95 -16.75 32.04 0.38
C THR B 95 -16.35 30.66 -0.17
N VAL B 96 -16.71 29.61 0.56
CA VAL B 96 -16.47 28.25 0.09
C VAL B 96 -17.18 28.03 -1.26
N ARG B 97 -18.45 28.44 -1.36
CA ARG B 97 -19.16 28.28 -2.62
C ARG B 97 -18.35 28.83 -3.80
N GLU B 98 -17.91 30.08 -3.70
CA GLU B 98 -17.10 30.72 -4.73
C GLU B 98 -15.85 29.91 -5.07
N PHE B 99 -15.11 29.52 -4.03
CA PHE B 99 -13.90 28.72 -4.17
C PHE B 99 -14.13 27.37 -4.90
N ARG B 100 -15.22 26.68 -4.52
CA ARG B 100 -15.57 25.38 -5.09
C ARG B 100 -15.85 25.44 -6.58
N LYS B 101 -16.62 26.46 -7.02
CA LYS B 101 -16.91 26.71 -8.42
C LYS B 101 -15.63 26.93 -9.20
N ILE B 102 -14.75 27.76 -8.67
CA ILE B 102 -13.42 27.93 -9.24
C ILE B 102 -12.64 26.59 -9.25
N ALA B 103 -12.56 25.92 -8.11
CA ALA B 103 -11.86 24.61 -8.01
C ALA B 103 -12.38 23.57 -9.01
N ASN B 104 -13.70 23.55 -9.20
CA ASN B 104 -14.39 22.61 -10.08
C ASN B 104 -14.59 23.10 -11.53
N SER B 105 -14.16 24.33 -11.85
CA SER B 105 -14.20 24.82 -13.24
C SER B 105 -13.19 24.09 -14.12
N ASP B 106 -13.48 24.05 -15.43
CA ASP B 106 -12.61 23.41 -16.42
C ASP B 106 -11.17 23.89 -16.34
N LYS B 107 -11.00 25.16 -15.99
CA LYS B 107 -9.71 25.81 -15.85
C LYS B 107 -8.80 25.23 -14.71
N TYR B 108 -9.39 24.97 -13.54
CA TYR B 108 -8.64 24.51 -12.35
C TYR B 108 -8.86 23.06 -11.99
N CYS B 109 -9.81 22.38 -12.61
CA CYS B 109 -10.14 21.03 -12.14
C CYS B 109 -9.03 19.99 -12.38
N THR B 110 -9.16 18.85 -11.70
CA THR B 110 -8.17 17.77 -11.77
C THR B 110 -8.17 17.16 -13.18
N PRO B 111 -6.98 17.03 -13.80
CA PRO B 111 -6.87 16.35 -15.09
C PRO B 111 -7.17 14.84 -15.07
N ARG B 112 -7.36 14.24 -16.26
CA ARG B 112 -7.58 12.82 -16.40
C ARG B 112 -6.34 12.07 -15.94
N TYR B 113 -6.55 10.96 -15.23
CA TYR B 113 -5.45 10.08 -14.82
C TYR B 113 -5.90 8.67 -14.47
N SER B 114 -5.02 7.71 -14.75
CA SER B 114 -5.31 6.29 -14.50
C SER B 114 -4.93 5.86 -13.10
N GLU B 115 -3.76 6.31 -12.66
CA GLU B 115 -3.11 5.86 -11.44
C GLU B 115 -2.45 7.07 -10.80
N PHE B 116 -2.14 6.96 -9.51
CA PHE B 116 -1.45 8.04 -8.79
C PHE B 116 -0.19 8.54 -9.49
N GLU B 117 0.63 7.62 -9.99
CA GLU B 117 1.90 7.97 -10.63
C GLU B 117 1.73 8.94 -11.78
N GLU B 118 0.63 8.80 -12.52
CA GLU B 118 0.33 9.67 -13.64
C GLU B 118 -0.10 11.06 -13.15
N LEU B 119 -0.95 11.11 -12.11
CA LEU B 119 -1.28 12.39 -11.49
C LEU B 119 -0.08 13.10 -10.90
N GLU B 120 0.74 12.32 -10.17
CA GLU B 120 2.02 12.81 -9.68
C GLU B 120 2.98 13.33 -10.75
N ARG B 121 3.09 12.62 -11.87
CA ARG B 121 3.87 13.10 -12.99
C ARG B 121 3.31 14.43 -13.53
N LYS B 122 1.98 14.54 -13.56
CA LYS B 122 1.31 15.76 -14.07
C LYS B 122 1.46 16.90 -13.12
N TYR B 123 1.43 16.63 -11.82
CA TYR B 123 1.79 17.67 -10.85
C TYR B 123 3.17 18.28 -11.09
N TRP B 124 4.22 17.42 -11.19
CA TRP B 124 5.61 17.88 -11.27
C TRP B 124 5.96 18.52 -12.62
N LYS B 125 5.28 18.08 -13.66
CA LYS B 125 5.35 18.67 -15.01
C LYS B 125 4.62 20.00 -15.11
N ASN B 126 3.51 20.15 -14.39
CA ASN B 126 2.62 21.32 -14.60
C ASN B 126 2.60 22.37 -13.50
N LEU B 127 3.43 22.13 -12.48
CA LEU B 127 3.54 22.88 -11.24
C LEU B 127 3.64 24.39 -11.46
N THR B 128 4.46 24.77 -12.44
CA THR B 128 4.75 26.19 -12.70
C THR B 128 3.73 26.85 -13.63
N PHE B 129 2.70 26.09 -14.06
CA PHE B 129 1.74 26.65 -15.05
C PHE B 129 0.41 26.78 -14.37
N ASN B 130 -0.39 27.76 -14.81
CA ASN B 130 -1.77 27.88 -14.37
C ASN B 130 -1.90 27.86 -12.84
N PRO B 131 -1.37 28.91 -12.17
CA PRO B 131 -1.25 28.95 -10.71
C PRO B 131 -2.61 28.81 -10.02
N PRO B 132 -2.73 27.82 -9.15
CA PRO B 132 -4.02 27.62 -8.47
C PRO B 132 -4.17 28.58 -7.30
N ILE B 133 -5.32 28.52 -6.64
CA ILE B 133 -5.67 29.31 -5.47
C ILE B 133 -5.84 28.31 -4.33
N TYR B 134 -5.11 28.52 -3.23
CA TYR B 134 -5.24 27.67 -2.05
C TYR B 134 -6.03 28.46 -0.99
N GLY B 135 -7.17 27.96 -0.54
CA GLY B 135 -7.87 28.56 0.61
C GLY B 135 -7.20 28.12 1.93
N ALA B 136 -5.97 28.56 2.14
CA ALA B 136 -5.14 28.01 3.21
C ALA B 136 -5.21 28.84 4.48
N ASP B 137 -4.91 28.17 5.60
CA ASP B 137 -4.66 28.81 6.89
C ASP B 137 -5.86 29.63 7.38
N VAL B 138 -7.06 29.07 7.22
CA VAL B 138 -8.32 29.68 7.68
C VAL B 138 -8.58 29.30 9.14
N ASN B 139 -8.79 30.29 9.99
CA ASN B 139 -9.09 30.01 11.39
C ASN B 139 -10.45 29.38 11.51
N GLY B 140 -10.53 28.22 12.16
CA GLY B 140 -11.81 27.58 12.36
C GLY B 140 -11.74 26.09 12.43
N THR B 141 -12.87 25.47 12.76
CA THR B 141 -12.98 24.02 12.87
C THR B 141 -14.25 23.61 12.16
N LEU B 142 -14.28 22.41 11.55
CA LEU B 142 -15.57 21.84 11.12
C LEU B 142 -16.12 20.77 12.07
N TYR B 143 -15.42 20.48 13.15
CA TYR B 143 -15.92 19.52 14.13
C TYR B 143 -17.10 20.13 14.86
N GLU B 144 -18.12 19.32 15.12
CA GLU B 144 -19.24 19.77 15.92
C GLU B 144 -18.80 19.74 17.39
N LYS B 145 -19.39 20.66 18.16
CA LYS B 145 -19.04 20.95 19.56
C LYS B 145 -18.88 19.70 20.44
N HIS B 146 -19.73 18.70 20.19
CA HIS B 146 -19.91 17.54 21.07
C HIS B 146 -18.89 16.41 20.90
N VAL B 147 -18.08 16.50 19.83
CA VAL B 147 -17.12 15.45 19.47
C VAL B 147 -15.88 15.44 20.37
N ASP B 148 -15.73 14.37 21.14
CA ASP B 148 -14.71 14.29 22.18
C ASP B 148 -13.44 13.57 21.73
N GLU B 149 -13.55 12.80 20.64
CA GLU B 149 -12.43 11.98 20.16
C GLU B 149 -11.76 12.65 18.99
N TRP B 150 -10.45 12.85 19.11
CA TRP B 150 -9.61 13.44 18.08
C TRP B 150 -10.15 14.75 17.53
N ASN B 151 -10.70 15.56 18.44
CA ASN B 151 -11.16 16.88 18.12
C ASN B 151 -9.96 17.83 18.02
N ILE B 152 -9.65 18.22 16.79
CA ILE B 152 -8.48 19.02 16.47
C ILE B 152 -8.45 20.38 17.19
N GLY B 153 -9.63 20.87 17.56
CA GLY B 153 -9.74 22.12 18.32
C GLY B 153 -9.38 22.01 19.79
N ARG B 154 -9.31 20.78 20.30
CA ARG B 154 -9.04 20.53 21.73
C ARG B 154 -8.52 19.11 21.99
N LEU B 155 -7.30 18.83 21.55
CA LEU B 155 -6.73 17.48 21.68
C LEU B 155 -6.22 17.24 23.09
N ARG B 156 -6.03 18.33 23.83
CA ARG B 156 -5.57 18.32 25.22
C ARG B 156 -4.22 17.61 25.37
N THR B 157 -3.22 18.04 24.62
CA THR B 157 -1.86 17.55 24.82
C THR B 157 -1.13 18.55 25.72
N ILE B 158 0.13 18.29 25.99
CA ILE B 158 0.93 19.22 26.80
C ILE B 158 1.23 20.58 26.13
N LEU B 159 0.93 20.72 24.83
CA LEU B 159 1.04 22.02 24.15
C LEU B 159 0.10 23.08 24.76
N ASP B 160 -0.97 22.61 25.40
CA ASP B 160 -1.91 23.49 26.10
C ASP B 160 -1.28 24.29 27.25
N LEU B 161 -0.10 23.88 27.74
CA LEU B 161 0.73 24.66 28.66
C LEU B 161 1.10 26.06 28.16
N VAL B 162 1.18 26.22 26.84
CA VAL B 162 1.39 27.54 26.25
C VAL B 162 0.14 28.39 26.50
N GLU B 163 -1.03 27.78 26.42
CA GLU B 163 -2.31 28.44 26.73
C GLU B 163 -2.62 28.43 28.23
N LYS B 164 -2.41 27.27 28.88
CA LYS B 164 -2.63 27.11 30.32
C LYS B 164 -1.75 28.06 31.15
N GLU B 165 -0.44 27.90 31.03
CA GLU B 165 0.54 28.66 31.81
C GLU B 165 0.78 30.11 31.35
N SER B 166 0.70 30.39 30.05
CA SER B 166 1.03 31.74 29.54
C SER B 166 -0.14 32.56 28.95
N GLY B 167 -1.26 31.90 28.66
CA GLY B 167 -2.47 32.57 28.15
C GLY B 167 -2.35 33.02 26.70
N ILE B 168 -1.43 32.40 25.96
CA ILE B 168 -1.08 32.85 24.61
C ILE B 168 -1.66 31.95 23.51
N THR B 169 -2.36 32.59 22.57
CA THR B 169 -2.93 31.91 21.41
C THR B 169 -2.02 32.10 20.20
N ILE B 170 -1.53 30.98 19.66
CA ILE B 170 -0.78 30.98 18.40
C ILE B 170 -1.65 30.32 17.32
N GLU B 171 -2.30 31.17 16.53
CA GLU B 171 -3.26 30.74 15.51
C GLU B 171 -2.70 29.70 14.55
N GLY B 172 -3.44 28.59 14.37
CA GLY B 172 -2.98 27.40 13.64
C GLY B 172 -1.99 26.48 14.36
N VAL B 173 -1.44 26.95 15.50
CA VAL B 173 -0.48 26.16 16.29
C VAL B 173 -1.18 25.52 17.49
N ASN B 174 -1.72 26.34 18.40
CA ASN B 174 -2.63 25.81 19.45
C ASN B 174 -4.12 26.00 19.09
N THR B 175 -4.40 26.40 17.84
CA THR B 175 -5.77 26.56 17.35
C THR B 175 -5.86 25.90 15.98
N PRO B 176 -7.08 25.52 15.52
CA PRO B 176 -7.24 24.87 14.22
C PRO B 176 -7.25 25.78 13.00
N TYR B 177 -6.64 25.28 11.93
CA TYR B 177 -6.70 25.88 10.60
C TYR B 177 -7.47 25.01 9.63
N LEU B 178 -8.23 25.63 8.73
CA LEU B 178 -8.84 24.91 7.63
C LEU B 178 -8.07 25.19 6.35
N TYR B 179 -8.01 24.20 5.47
CA TYR B 179 -7.30 24.28 4.21
C TYR B 179 -8.29 23.83 3.16
N PHE B 180 -8.75 24.77 2.33
CA PHE B 180 -9.61 24.42 1.18
C PHE B 180 -8.71 24.34 -0.01
N GLY B 181 -8.45 23.11 -0.48
CA GLY B 181 -7.56 22.86 -1.61
C GLY B 181 -8.25 22.75 -2.95
N MET B 182 -7.46 22.89 -4.00
CA MET B 182 -7.94 22.54 -5.32
C MET B 182 -6.80 21.80 -5.99
N TRP B 183 -7.02 21.30 -7.19
CA TRP B 183 -5.98 20.57 -7.89
C TRP B 183 -4.69 21.39 -7.90
N LYS B 184 -3.60 20.72 -7.46
CA LYS B 184 -2.25 21.22 -7.69
C LYS B 184 -1.84 22.28 -6.68
N THR B 185 -2.68 22.60 -5.71
CA THR B 185 -2.24 23.44 -4.63
C THR B 185 -1.29 22.56 -3.83
N SER B 186 -0.32 23.20 -3.21
CA SER B 186 0.80 22.49 -2.65
C SER B 186 1.30 23.07 -1.38
N PHE B 187 1.96 22.21 -0.61
CA PHE B 187 2.64 22.68 0.57
C PHE B 187 4.10 22.28 0.47
N ALA B 188 4.95 23.26 0.73
CA ALA B 188 6.34 23.16 0.45
C ALA B 188 6.99 22.36 1.58
N TRP B 189 8.24 21.96 1.37
CA TRP B 189 8.98 21.17 2.37
C TRP B 189 9.18 21.92 3.66
N HIS B 190 8.71 21.33 4.76
CA HIS B 190 8.92 21.97 6.07
C HIS B 190 8.73 20.94 7.17
N THR B 191 9.25 21.28 8.36
CA THR B 191 8.80 20.69 9.59
C THR B 191 7.84 21.66 10.28
N GLU B 192 7.16 21.22 11.35
CA GLU B 192 6.32 22.14 12.12
C GLU B 192 7.10 23.22 12.82
N ASP B 193 6.43 24.34 13.15
CA ASP B 193 7.02 25.35 13.99
C ASP B 193 7.47 24.68 15.29
N MET B 194 8.67 25.04 15.75
CA MET B 194 9.26 24.51 16.96
C MET B 194 9.44 23.01 16.87
N ASP B 195 9.34 22.45 15.65
CA ASP B 195 9.48 21.01 15.35
C ASP B 195 8.44 20.15 16.09
N LEU B 196 7.27 20.75 16.28
CA LEU B 196 6.10 20.11 16.85
C LEU B 196 5.55 18.94 16.01
N TYR B 197 4.59 18.21 16.56
CA TYR B 197 3.84 17.27 15.76
C TYR B 197 2.74 18.07 15.09
N SER B 198 2.11 17.51 14.05
CA SER B 198 0.87 18.07 13.62
C SER B 198 -0.06 16.94 13.34
N ILE B 199 -1.33 17.29 13.28
CA ILE B 199 -2.38 16.37 12.94
C ILE B 199 -3.15 17.07 11.81
N ASN B 200 -3.63 16.28 10.85
CA ASN B 200 -4.30 16.78 9.67
C ASN B 200 -5.42 15.83 9.35
N TYR B 201 -6.66 16.31 9.36
CA TYR B 201 -7.82 15.51 9.00
C TYR B 201 -8.42 16.00 7.69
N LEU B 202 -8.54 15.12 6.69
CA LEU B 202 -9.21 15.46 5.44
C LEU B 202 -10.71 15.26 5.60
N HIS B 203 -11.46 16.36 5.76
CA HIS B 203 -12.92 16.28 5.97
C HIS B 203 -13.72 15.73 4.81
N PHE B 204 -13.43 16.22 3.61
CA PHE B 204 -14.17 15.82 2.43
C PHE B 204 -13.33 16.15 1.24
N GLY B 205 -13.76 15.64 0.09
CA GLY B 205 -13.22 16.03 -1.21
C GLY B 205 -12.21 15.05 -1.75
N GLU B 206 -11.41 15.54 -2.70
CA GLU B 206 -10.35 14.78 -3.35
C GLU B 206 -9.09 14.61 -2.46
N PRO B 207 -8.28 13.58 -2.74
CA PRO B 207 -7.10 13.31 -1.87
C PRO B 207 -6.04 14.41 -1.74
N LYS B 208 -5.18 14.20 -0.75
CA LYS B 208 -4.04 15.06 -0.52
C LYS B 208 -2.84 14.08 -0.48
N SER B 209 -1.83 14.31 -1.31
CA SER B 209 -0.70 13.38 -1.34
C SER B 209 0.43 14.08 -0.62
N TRP B 210 1.25 13.26 0.08
CA TRP B 210 2.27 13.68 1.06
C TRP B 210 3.57 13.01 0.70
N TYR B 211 4.65 13.74 0.85
CA TYR B 211 5.99 13.22 0.79
C TYR B 211 6.59 13.41 2.20
N SER B 212 7.44 12.51 2.62
CA SER B 212 8.02 12.66 3.98
C SER B 212 9.47 12.21 3.99
N VAL B 213 10.31 12.87 4.79
CA VAL B 213 11.69 12.46 4.91
C VAL B 213 11.89 12.01 6.38
N PRO B 214 12.46 10.83 6.60
CA PRO B 214 12.62 10.45 8.04
C PRO B 214 13.36 11.52 8.86
N PRO B 215 12.87 11.85 10.07
CA PRO B 215 13.67 12.75 10.95
C PRO B 215 15.16 12.45 11.00
N GLU B 216 15.53 11.15 10.95
CA GLU B 216 16.94 10.79 11.03
C GLU B 216 17.69 11.15 9.78
N HIS B 217 16.98 11.47 8.68
CA HIS B 217 17.64 11.98 7.48
C HIS B 217 17.33 13.44 7.15
N GLY B 218 16.65 14.14 8.06
CA GLY B 218 16.25 15.53 7.88
C GLY B 218 17.40 16.48 7.64
N LYS B 219 18.52 16.29 8.36
CA LYS B 219 19.70 17.16 8.17
C LYS B 219 20.29 17.10 6.77
N ARG B 220 20.20 15.94 6.16
CA ARG B 220 20.69 15.67 4.84
C ARG B 220 19.77 16.34 3.80
N LEU B 221 18.47 16.39 4.07
CA LEU B 221 17.59 17.24 3.26
C LEU B 221 17.97 18.72 3.37
N GLU B 222 18.27 19.14 4.59
CA GLU B 222 18.70 20.52 4.85
C GLU B 222 20.00 20.89 4.15
N ARG B 223 21.02 20.03 4.19
CA ARG B 223 22.24 20.25 3.39
C ARG B 223 21.94 20.34 1.87
N LEU B 224 21.08 19.48 1.37
CA LEU B 224 20.72 19.48 -0.04
C LEU B 224 20.12 20.86 -0.40
N ALA B 225 19.08 21.26 0.35
CA ALA B 225 18.39 22.54 0.18
C ALA B 225 19.32 23.73 0.22
N LYS B 226 20.19 23.79 1.22
CA LYS B 226 21.14 24.89 1.37
C LYS B 226 22.13 25.00 0.21
N GLY B 227 22.56 23.87 -0.37
CA GLY B 227 23.45 23.89 -1.52
C GLY B 227 22.76 24.36 -2.80
N PHE B 228 21.46 24.12 -2.93
CA PHE B 228 20.69 24.64 -4.08
C PHE B 228 20.26 26.09 -3.93
N PHE B 229 19.95 26.50 -2.71
CA PHE B 229 19.52 27.84 -2.43
C PHE B 229 20.50 28.48 -1.44
N PRO B 230 21.76 28.74 -1.86
CA PRO B 230 22.78 29.21 -0.91
C PRO B 230 22.63 30.67 -0.49
N GLY B 231 21.97 31.50 -1.31
CA GLY B 231 21.64 32.87 -0.95
C GLY B 231 20.53 32.91 0.09
N SER B 232 19.53 32.05 -0.08
CA SER B 232 18.51 31.78 0.94
C SER B 232 19.12 31.34 2.30
N ALA B 233 20.09 30.42 2.23
CA ALA B 233 20.80 29.92 3.42
C ALA B 233 21.65 30.96 4.10
N GLN B 234 22.19 31.93 3.36
CA GLN B 234 22.95 33.01 4.01
C GLN B 234 22.03 33.96 4.77
N SER B 235 20.83 34.16 4.25
CA SER B 235 19.88 35.13 4.81
C SER B 235 19.07 34.58 5.99
N CYS B 236 19.02 33.26 6.11
CA CYS B 236 18.26 32.62 7.19
C CYS B 236 18.86 31.26 7.55
N GLU B 237 19.05 31.05 8.86
CA GLU B 237 19.51 29.78 9.45
C GLU B 237 18.50 28.62 9.27
N ALA B 238 17.27 28.96 8.87
CA ALA B 238 16.18 28.03 8.72
C ALA B 238 15.21 28.53 7.61
N PHE B 239 15.74 28.73 6.40
CA PHE B 239 14.90 29.24 5.26
C PHE B 239 13.75 28.31 4.83
N LEU B 240 13.89 26.99 5.06
CA LEU B 240 12.77 26.07 4.79
C LEU B 240 11.46 26.36 5.57
N ARG B 241 11.58 27.03 6.70
CA ARG B 241 10.39 27.45 7.47
C ARG B 241 9.54 28.52 6.76
N HIS B 242 10.11 29.17 5.75
CA HIS B 242 9.36 30.17 4.95
C HIS B 242 8.31 29.45 4.14
N LYS B 243 8.48 28.13 4.05
CA LYS B 243 7.54 27.27 3.34
C LYS B 243 7.36 27.70 1.84
N MET B 244 8.49 27.94 1.17
CA MET B 244 8.52 28.34 -0.24
C MET B 244 9.26 27.35 -1.14
N THR B 245 9.87 26.33 -0.55
CA THR B 245 10.84 25.49 -1.29
C THR B 245 10.19 24.16 -1.72
N LEU B 246 10.11 23.89 -3.03
CA LEU B 246 9.57 22.63 -3.54
C LEU B 246 10.65 21.84 -4.18
N ILE B 247 10.64 20.53 -3.94
CA ILE B 247 11.69 19.67 -4.46
C ILE B 247 10.99 18.41 -4.81
N SER B 248 11.26 17.95 -6.03
CA SER B 248 10.58 16.77 -6.56
C SER B 248 11.23 15.53 -6.01
N PRO B 249 10.46 14.43 -5.93
CA PRO B 249 10.88 13.11 -5.52
C PRO B 249 11.99 12.61 -6.40
N LEU B 250 12.01 12.98 -7.68
CA LEU B 250 13.13 12.60 -8.54
C LEU B 250 14.45 13.26 -8.13
N MET B 251 14.36 14.45 -7.56
CA MET B 251 15.56 15.18 -7.14
C MET B 251 16.04 14.57 -5.82
N LEU B 252 15.11 14.26 -4.92
CA LEU B 252 15.44 13.50 -3.67
C LEU B 252 16.12 12.19 -3.97
N LYS B 253 15.57 11.42 -4.91
CA LYS B 253 16.13 10.13 -5.31
C LYS B 253 17.54 10.25 -5.93
N LYS B 254 17.72 11.22 -6.80
CA LYS B 254 19.01 11.52 -7.45
C LYS B 254 20.13 11.81 -6.46
N TYR B 255 19.83 12.62 -5.46
CA TYR B 255 20.80 13.03 -4.48
C TYR B 255 20.81 12.11 -3.26
N GLY B 256 20.09 10.99 -3.37
CA GLY B 256 20.00 9.95 -2.35
C GLY B 256 19.45 10.40 -1.01
N ILE B 257 18.39 11.21 -1.02
CA ILE B 257 17.64 11.43 0.22
C ILE B 257 16.50 10.39 0.38
N PRO B 258 16.53 9.60 1.49
CA PRO B 258 15.43 8.68 1.79
C PRO B 258 14.11 9.44 1.95
N PHE B 259 13.07 8.93 1.31
CA PHE B 259 11.77 9.52 1.48
C PHE B 259 10.71 8.47 1.17
N ASP B 260 9.48 8.75 1.60
CA ASP B 260 8.37 7.89 1.23
C ASP B 260 7.21 8.81 0.81
N LYS B 261 6.19 8.22 0.15
CA LYS B 261 4.98 8.97 -0.19
C LYS B 261 3.71 8.24 0.22
N VAL B 262 2.63 8.98 0.42
CA VAL B 262 1.36 8.40 0.87
C VAL B 262 0.26 9.36 0.44
N THR B 263 -0.90 8.80 0.13
CA THR B 263 -2.05 9.60 -0.22
C THR B 263 -3.06 9.45 0.90
N GLN B 264 -3.51 10.59 1.42
CA GLN B 264 -4.59 10.68 2.37
C GLN B 264 -5.96 10.85 1.65
N GLU B 265 -6.93 9.98 1.96
CA GLU B 265 -8.27 10.12 1.44
C GLU B 265 -9.16 10.75 2.49
N ALA B 266 -10.35 11.16 2.08
CA ALA B 266 -11.31 11.82 2.96
C ALA B 266 -11.62 10.87 4.10
N GLY B 267 -11.69 11.40 5.32
CA GLY B 267 -12.05 10.61 6.47
C GLY B 267 -10.82 10.10 7.19
N GLU B 268 -9.62 10.47 6.72
CA GLU B 268 -8.39 9.96 7.27
C GLU B 268 -7.55 11.05 7.90
N PHE B 269 -6.84 10.67 8.97
CA PHE B 269 -5.85 11.53 9.66
C PHE B 269 -4.44 11.23 9.18
N MET B 270 -3.64 12.28 9.12
CA MET B 270 -2.21 12.19 8.98
C MET B 270 -1.62 12.84 10.23
N ILE B 271 -0.56 12.23 10.74
CA ILE B 271 0.19 12.75 11.87
C ILE B 271 1.59 12.97 11.37
N THR B 272 2.13 14.15 11.60
CA THR B 272 3.51 14.36 11.34
C THR B 272 4.26 14.49 12.67
N PHE B 273 5.46 13.95 12.69
CA PHE B 273 6.25 13.83 13.92
C PHE B 273 7.32 14.89 14.01
N PRO B 274 7.79 15.16 15.24
CA PRO B 274 8.86 16.15 15.38
C PRO B 274 10.03 15.94 14.44
N TYR B 275 10.36 17.02 13.72
CA TYR B 275 11.47 17.05 12.76
C TYR B 275 11.26 16.14 11.55
N GLY B 276 10.01 15.80 11.27
CA GLY B 276 9.72 15.03 10.08
C GLY B 276 9.42 16.05 8.96
N TYR B 277 10.30 16.12 7.96
CA TYR B 277 10.12 17.04 6.81
C TYR B 277 9.04 16.50 5.94
N HIS B 278 8.11 17.35 5.52
CA HIS B 278 7.04 16.87 4.67
C HIS B 278 6.62 17.95 3.64
N ALA B 279 6.00 17.49 2.58
CA ALA B 279 5.52 18.36 1.48
C ALA B 279 4.39 17.60 0.80
N GLY B 280 3.69 18.24 -0.15
CA GLY B 280 2.63 17.46 -0.79
C GLY B 280 1.73 18.36 -1.65
N PHE B 281 0.64 17.82 -2.14
CA PHE B 281 -0.25 18.61 -3.04
C PHE B 281 -1.60 17.94 -2.93
N ASN B 282 -2.61 18.74 -3.28
CA ASN B 282 -4.00 18.34 -3.36
C ASN B 282 -4.38 17.89 -4.74
N HIS B 283 -5.20 16.86 -4.81
CA HIS B 283 -5.56 16.26 -6.07
C HIS B 283 -6.70 17.05 -6.66
N GLY B 284 -7.42 17.78 -5.83
CA GLY B 284 -8.73 18.31 -6.23
C GLY B 284 -9.28 19.04 -5.05
N PHE B 285 -10.51 19.51 -5.20
CA PHE B 285 -11.24 20.25 -4.18
C PHE B 285 -11.50 19.41 -2.92
N ASN B 286 -11.03 19.93 -1.79
CA ASN B 286 -11.11 19.23 -0.53
C ASN B 286 -10.98 20.23 0.59
N CYS B 287 -11.11 19.72 1.82
CA CYS B 287 -10.98 20.52 3.01
C CYS B 287 -10.32 19.66 4.07
N ALA B 288 -9.21 20.19 4.59
CA ALA B 288 -8.40 19.60 5.67
C ALA B 288 -8.42 20.54 6.85
N GLU B 289 -8.43 19.96 8.05
CA GLU B 289 -8.33 20.67 9.29
C GLU B 289 -7.04 20.27 9.94
N SER B 290 -6.33 21.23 10.51
CA SER B 290 -4.98 20.96 11.01
C SER B 290 -4.61 21.79 12.23
N THR B 291 -3.72 21.27 13.05
CA THR B 291 -3.13 22.00 14.18
C THR B 291 -1.88 21.23 14.65
N ASN B 292 -1.11 21.87 15.53
CA ASN B 292 0.08 21.28 16.11
C ASN B 292 -0.27 20.68 17.46
N PHE B 293 0.60 19.82 17.96
CA PHE B 293 0.38 19.26 19.28
C PHE B 293 1.74 18.76 19.72
N ALA B 294 1.87 18.45 21.00
CA ALA B 294 3.16 18.16 21.60
C ALA B 294 2.97 16.88 22.40
N THR B 295 4.05 16.14 22.59
CA THR B 295 4.12 15.07 23.59
C THR B 295 5.39 15.35 24.41
N ARG B 296 5.63 14.55 25.45
CA ARG B 296 6.88 14.60 26.21
C ARG B 296 8.11 14.37 25.34
N ARG B 297 7.99 13.48 24.36
CA ARG B 297 9.10 13.20 23.45
C ARG B 297 9.48 14.45 22.59
N TRP B 298 8.52 15.34 22.36
CA TRP B 298 8.77 16.55 21.55
C TRP B 298 9.67 17.56 22.23
N ILE B 299 9.69 17.54 23.56
CA ILE B 299 10.35 18.59 24.32
C ILE B 299 11.82 18.86 23.94
N GLU B 300 12.61 17.80 23.85
CA GLU B 300 14.00 17.92 23.39
C GLU B 300 14.12 18.53 21.97
N TYR B 301 13.23 18.12 21.07
CA TYR B 301 13.19 18.74 19.72
C TYR B 301 12.95 20.24 19.82
N GLY B 302 12.02 20.62 20.69
CA GLY B 302 11.63 22.02 20.91
C GLY B 302 12.79 22.85 21.31
N LYS B 303 13.59 22.30 22.24
CA LYS B 303 14.80 22.94 22.75
C LYS B 303 15.92 23.14 21.72
N GLN B 304 15.99 22.22 20.78
CA GLN B 304 17.01 22.20 19.75
C GLN B 304 16.57 22.82 18.43
N ALA B 305 15.28 23.13 18.32
CA ALA B 305 14.70 23.64 17.07
C ALA B 305 15.47 24.87 16.57
N VAL B 306 15.83 24.87 15.27
CA VAL B 306 16.49 26.02 14.63
C VAL B 306 15.42 26.88 13.97
N LEU B 307 15.31 28.13 14.40
CA LEU B 307 14.19 28.98 13.95
C LEU B 307 14.59 30.01 12.87
N CYS B 308 13.60 30.55 12.14
CA CYS B 308 13.84 31.62 11.12
C CYS B 308 14.41 32.82 11.84
N SER B 309 15.54 33.31 11.32
CA SER B 309 16.28 34.43 11.87
C SER B 309 16.02 35.79 11.19
N CYS B 310 15.12 35.79 10.19
CA CYS B 310 14.96 36.94 9.28
C CYS B 310 13.55 37.57 9.25
N ARG B 311 12.55 36.86 9.79
CA ARG B 311 11.23 37.45 9.97
C ARG B 311 10.86 37.60 11.44
N LYS B 312 9.91 38.49 11.72
CA LYS B 312 9.45 38.78 13.09
C LYS B 312 8.04 38.26 13.43
N ASP B 313 7.27 37.81 12.44
CA ASP B 313 5.94 37.22 12.70
C ASP B 313 5.98 35.69 12.89
N MET B 314 7.19 35.14 13.01
CA MET B 314 7.41 33.71 13.05
C MET B 314 7.08 33.14 14.43
N VAL B 315 6.67 31.87 14.48
CA VAL B 315 6.33 31.19 15.73
C VAL B 315 7.58 30.82 16.57
N LYS B 316 7.63 31.41 17.77
CA LYS B 316 8.61 31.04 18.78
C LYS B 316 7.85 30.72 20.07
N ILE B 317 8.08 29.53 20.61
CA ILE B 317 7.52 29.14 21.91
C ILE B 317 8.68 29.10 22.92
N SER B 318 8.54 29.82 24.03
CA SER B 318 9.49 29.69 25.16
C SER B 318 9.51 28.24 25.65
N MET B 319 10.70 27.64 25.70
CA MET B 319 10.77 26.24 26.16
C MET B 319 10.76 26.11 27.66
N ASP B 320 10.81 27.25 28.34
CA ASP B 320 11.05 27.32 29.77
C ASP B 320 10.02 26.50 30.58
N VAL B 321 8.74 26.63 30.23
CA VAL B 321 7.68 25.99 31.02
C VAL B 321 7.75 24.44 30.90
N PHE B 322 8.14 23.96 29.73
CA PHE B 322 8.30 22.51 29.46
C PHE B 322 9.52 21.87 30.13
N VAL B 323 10.63 22.60 30.16
CA VAL B 323 11.87 22.12 30.75
C VAL B 323 11.70 22.13 32.26
N ARG B 324 11.03 23.17 32.76
CA ARG B 324 10.80 23.33 34.19
C ARG B 324 9.89 22.23 34.75
N LYS B 325 8.80 21.95 34.03
CA LYS B 325 7.80 20.93 34.39
C LYS B 325 8.23 19.47 34.16
N PHE B 326 8.75 19.17 32.98
CA PHE B 326 9.01 17.76 32.59
C PHE B 326 10.47 17.33 32.60
N GLN B 327 11.35 18.29 32.84
CA GLN B 327 12.77 18.02 33.04
C GLN B 327 13.31 18.84 34.19
N PRO B 328 12.65 18.81 35.41
CA PRO B 328 13.17 19.65 36.48
C PRO B 328 14.69 19.43 36.77
N GLU B 329 15.15 18.20 36.48
CA GLU B 329 16.58 17.88 36.77
C GLU B 329 17.59 18.48 35.77
N ARG B 330 17.11 18.87 34.58
CA ARG B 330 18.00 19.50 33.60
C ARG B 330 17.83 21.00 33.58
N TYR B 331 16.80 21.51 34.26
CA TYR B 331 16.36 22.89 34.04
C TYR B 331 17.50 23.89 34.26
N LYS B 332 18.25 23.66 35.32
CA LYS B 332 19.39 24.48 35.71
C LYS B 332 20.50 24.50 34.64
N LEU B 333 21.05 23.33 34.29
CA LEU B 333 22.05 23.25 33.20
C LEU B 333 21.54 23.86 31.88
N TRP B 334 20.35 23.47 31.46
CA TRP B 334 19.73 24.03 30.25
C TRP B 334 19.70 25.56 30.28
N LYS B 335 19.30 26.11 31.43
CA LYS B 335 19.09 27.54 31.60
C LYS B 335 20.44 28.28 31.56
N ALA B 336 21.49 27.63 32.07
CA ALA B 336 22.86 28.10 31.96
C ALA B 336 23.46 27.95 30.55
N GLY B 337 22.83 27.13 29.71
CA GLY B 337 23.35 26.86 28.37
C GLY B 337 24.21 25.61 28.24
N LYS B 338 24.16 24.73 29.24
CA LYS B 338 25.05 23.58 29.32
C LYS B 338 24.37 22.22 29.09
N ASP B 339 23.13 22.22 28.59
CA ASP B 339 22.43 20.98 28.32
C ASP B 339 22.90 20.42 26.97
N ASN B 340 23.73 19.37 27.07
CA ASN B 340 24.46 18.76 25.96
C ASN B 340 23.78 17.52 25.36
N THR B 341 22.46 17.42 25.57
CA THR B 341 21.66 16.28 25.13
C THR B 341 21.62 16.12 23.61
N VAL B 342 21.87 14.89 23.15
CA VAL B 342 21.91 14.53 21.74
C VAL B 342 20.62 13.78 21.43
N ILE B 343 19.92 14.19 20.38
CA ILE B 343 18.64 13.56 20.02
C ILE B 343 18.87 12.28 19.19
N ASP B 344 18.26 11.19 19.63
CA ASP B 344 18.22 9.91 18.92
C ASP B 344 16.82 9.79 18.34
N HIS B 345 16.75 9.91 17.01
CA HIS B 345 15.48 10.06 16.29
C HIS B 345 14.62 8.81 16.25
N THR B 346 15.28 7.67 16.41
CA THR B 346 14.63 6.37 16.36
C THR B 346 13.88 6.07 17.67
N LEU B 347 14.20 6.77 18.74
CA LEU B 347 13.59 6.50 20.06
C LEU B 347 12.27 7.22 20.19
N GLY C 8 12.11 -24.00 -21.10
CA GLY C 8 11.38 -24.89 -20.14
C GLY C 8 11.58 -24.61 -18.65
N GLY C 9 11.60 -25.67 -17.85
CA GLY C 9 11.73 -25.60 -16.39
C GLY C 9 10.75 -26.56 -15.72
N VAL C 10 10.45 -26.32 -14.43
CA VAL C 10 9.36 -27.01 -13.74
C VAL C 10 8.77 -26.10 -12.66
N M3L C 11 7.45 -26.11 -12.54
CA M3L C 11 6.71 -25.19 -11.62
CB M3L C 11 5.20 -25.37 -11.84
CG M3L C 11 4.33 -24.55 -10.90
CD M3L C 11 2.90 -24.50 -11.41
CE M3L C 11 1.97 -23.92 -10.34
NZ M3L C 11 0.51 -24.20 -10.52
C M3L C 11 7.07 -25.34 -10.15
O M3L C 11 7.12 -26.45 -9.61
CM1 M3L C 11 -0.10 -23.32 -11.54
CM2 M3L C 11 0.22 -25.61 -10.83
CM3 M3L C 11 -0.13 -23.86 -9.22
N GLY D 8 5.05 33.87 20.92
CA GLY D 8 3.86 33.79 20.00
C GLY D 8 4.21 33.85 18.52
N GLY D 9 3.29 34.43 17.74
CA GLY D 9 3.36 34.46 16.28
C GLY D 9 2.09 33.86 15.66
N VAL D 10 2.12 33.61 14.35
CA VAL D 10 1.05 32.87 13.68
C VAL D 10 1.61 31.79 12.76
N M3L D 11 0.94 30.63 12.73
CA M3L D 11 1.14 29.66 11.64
CB M3L D 11 0.50 28.32 11.97
CG M3L D 11 0.60 27.33 10.82
CD M3L D 11 0.33 25.93 11.36
CE M3L D 11 0.21 24.89 10.26
NZ M3L D 11 -0.67 23.75 10.62
C M3L D 11 0.51 30.27 10.40
O M3L D 11 -0.70 30.40 10.31
CM1 M3L D 11 -0.13 22.98 11.75
CM2 M3L D 11 -2.03 24.24 10.96
CM3 M3L D 11 -0.69 22.83 9.46
N LYS D 12 1.35 30.65 9.45
CA LYS D 12 0.88 31.41 8.29
C LYS D 12 2.12 32.04 7.66
N PRO D 13 2.59 31.48 6.52
CA PRO D 13 3.48 32.14 5.54
C PRO D 13 2.99 33.59 5.14
N HIS D 14 3.64 34.32 4.23
CA HIS D 14 4.48 33.81 3.13
C HIS D 14 5.96 33.70 3.49
NI NI E . -0.35 -19.26 -7.84
ZN ZN F . 16.10 -16.38 -7.57
C1 OGA G . -2.38 -21.26 -7.86
C2 OGA G . -1.67 -21.54 -6.51
C4 OGA G . -1.29 -22.84 -4.51
C5 OGA G . -1.72 -24.08 -3.72
O1 OGA G . -3.29 -22.04 -8.27
O2 OGA G . -1.94 -20.24 -8.48
O2' OGA G . -0.81 -20.75 -6.14
O3 OGA G . -0.85 -24.51 -2.89
N1 OGA G . -2.01 -22.61 -5.76
O4 OGA G . -2.87 -24.52 -3.91
NI NI H . 3.14 20.57 8.14
ZN ZN I . 13.89 33.26 7.63
C1 OGA J . 0.60 19.59 8.03
C2 OGA J . 0.63 20.27 6.67
C4 OGA J . -0.39 21.05 4.62
C5 OGA J . -1.73 21.45 3.96
O1 OGA J . -0.51 19.13 8.42
O2 OGA J . 1.72 19.55 8.64
O2' OGA J . 1.72 20.71 6.30
O3 OGA J . -1.69 22.50 3.24
N1 OGA J . -0.47 20.36 5.91
O4 OGA J . -2.71 20.69 4.11
#